data_3FAW
#
_entry.id   3FAW
#
_cell.length_a   48.949
_cell.length_b   102.834
_cell.length_c   172.438
_cell.angle_alpha   90.00
_cell.angle_beta   90.00
_cell.angle_gamma   90.00
#
_symmetry.space_group_name_H-M   'P 21 21 21'
#
loop_
_entity.id
_entity.type
_entity.pdbx_description
1 polymer 'Reticulocyte binding protein'
2 non-polymer 'CALCIUM ION'
3 non-polymer 'CHLORIDE ION'
4 water water
#
_entity_poly.entity_id   1
_entity_poly.type   'polypeptide(L)'
_entity_poly.pdbx_seq_one_letter_code
;VKVQPNDYVFRDLANHNQIFVKDKDPKVYNNPYYIDQVQLKDAQQTDLTSIQASFTTLDGVDKTEILKELKVTDKNQNAI
QISDITLDTSKSLLIIKGDFNPKQGHFNISYNGNNVTTRQSWEFKDQLYAYSGNLGAVLNQDGSKVEASLWSPSADSVTM
IIYDKDNQNRVVATTPLVKNNKGVWQTILDTKLGIKNYTGYYYLYEIKRGKDKVKILDPYAKSLAEWDSNTVNDDIKTAK
AAFVNPSQLGPQNLSFAKIANFKGRQDAVIYEAHVRDFTSDQSLDGKLKNQLGTFAAFSEKLDYLQKLGVTHIQLLPVLS
YFYVNEMDKSRSTAYTSSDNNYNWGYDPQSYFALSGMYSEKPKDPSARIAELKQLIHDIHKRGMGVILDVVYNHTAKTYL
FEDIEPNYYHFMNEDGSPRESFGGGRLGTTHAMSRRVLVDSIKYLTSEFKVDGFRFDMMGDHDAAAIELAYKEAKAINPN
MIMIGEGWRTFQGDQGKPVKPADQDWMKSTDTVGVFSDDIRNSLKSGFPNEGTPAFITGGPQSLQGIFKNIKAQPGNFEA
DSPGDVVQYIAAHDNLTLHDVIAKSINKDPKVAEEDIHRRLRLGNVMILTSQGTAFIHSGQEYGRTKRLLNPDYMTKVSD
DKLPNKATLIEAVKEYPYFIHDSYDSSDAINHFDWAAATDNNKHPISTKTQAYTAGLITLRRSTDAFRKLSKAEIDREVS
LITEVGQGDIKEKDLVIAYQTIDSKGDIYAVFVNADSKARNVLLGEKYKHLLKGQVIVDADQAGIKPISTPRGVHFEKDS
LLIDPLTAIVIKVGKVAPSPKEELQADYPKTQSFKGSKTVEKVNRIANKTSITPVVSNKTDSYLTNEANLEHHHHHH
;
_entity_poly.pdbx_strand_id   A
#
# COMPACT_ATOMS: atom_id res chain seq x y z
N GLN A 37 47.11 -13.48 -14.16
CA GLN A 37 46.01 -12.54 -13.79
C GLN A 37 44.91 -13.24 -12.99
N VAL A 38 45.06 -14.54 -12.75
CA VAL A 38 44.07 -15.31 -12.01
C VAL A 38 44.21 -15.05 -10.51
N GLN A 39 43.18 -14.46 -9.91
CA GLN A 39 43.16 -14.14 -8.48
C GLN A 39 41.79 -14.41 -7.86
N LEU A 40 41.80 -14.98 -6.66
CA LEU A 40 40.58 -15.28 -5.90
C LEU A 40 39.95 -13.99 -5.34
N LYS A 41 38.65 -13.83 -5.51
CA LYS A 41 37.92 -12.63 -5.08
C LYS A 41 37.07 -12.88 -3.83
N ASP A 42 36.23 -13.91 -3.88
CA ASP A 42 35.34 -14.26 -2.78
C ASP A 42 34.87 -15.71 -2.92
N ALA A 43 34.05 -16.15 -1.96
CA ALA A 43 33.53 -17.52 -1.96
C ALA A 43 32.27 -17.64 -1.13
N GLN A 44 31.39 -18.53 -1.56
CA GLN A 44 30.15 -18.81 -0.83
C GLN A 44 29.91 -20.32 -0.75
N GLN A 45 29.41 -20.77 0.41
CA GLN A 45 28.96 -22.16 0.55
C GLN A 45 27.47 -22.25 0.24
N THR A 46 27.13 -23.10 -0.73
CA THR A 46 25.78 -23.20 -1.28
C THR A 46 25.03 -24.46 -0.85
N ASP A 47 25.77 -25.48 -0.42
CA ASP A 47 25.16 -26.67 0.21
C ASP A 47 26.21 -27.40 1.07
N LEU A 48 25.84 -28.57 1.60
CA LEU A 48 26.73 -29.30 2.52
C LEU A 48 28.07 -29.67 1.88
N THR A 49 28.07 -29.96 0.59
CA THR A 49 29.26 -30.46 -0.10
C THR A 49 29.72 -29.58 -1.27
N SER A 50 29.41 -28.29 -1.25
CA SER A 50 29.75 -27.42 -2.38
C SER A 50 30.05 -25.97 -2.00
N ILE A 51 31.15 -25.44 -2.53
CA ILE A 51 31.54 -24.04 -2.36
C ILE A 51 31.89 -23.41 -3.71
N GLN A 52 31.26 -22.27 -4.02
CA GLN A 52 31.59 -21.53 -5.24
C GLN A 52 32.55 -20.39 -4.93
N ALA A 53 33.68 -20.36 -5.63
CA ALA A 53 34.71 -19.35 -5.46
C ALA A 53 34.79 -18.49 -6.70
N SER A 54 34.67 -17.17 -6.53
CA SER A 54 34.71 -16.24 -7.65
C SER A 54 36.14 -15.75 -7.89
N PHE A 55 36.54 -15.71 -9.15
CA PHE A 55 37.87 -15.27 -9.56
C PHE A 55 37.77 -14.06 -10.48
N THR A 56 38.88 -13.34 -10.61
CA THR A 56 39.01 -12.28 -11.62
C THR A 56 38.79 -12.88 -13.02
N THR A 57 39.45 -14.01 -13.27
CA THR A 57 39.27 -14.76 -14.51
C THR A 57 39.81 -16.18 -14.37
N LEU A 58 39.28 -17.10 -15.19
CA LEU A 58 39.78 -18.48 -15.25
C LEU A 58 40.44 -18.83 -16.60
N ASP A 59 40.61 -17.83 -17.47
CA ASP A 59 41.31 -18.02 -18.75
C ASP A 59 42.72 -17.44 -18.67
N LYS A 63 42.58 -27.19 -15.20
CA LYS A 63 42.07 -27.85 -14.01
C LYS A 63 43.18 -28.47 -13.17
N THR A 64 44.16 -29.08 -13.84
CA THR A 64 45.31 -29.68 -13.16
C THR A 64 46.16 -28.62 -12.44
N GLU A 65 46.45 -27.52 -13.14
CA GLU A 65 47.33 -26.48 -12.62
C GLU A 65 46.74 -25.67 -11.47
N ILE A 66 45.42 -25.72 -11.31
CA ILE A 66 44.74 -25.01 -10.23
C ILE A 66 44.56 -25.89 -8.96
N LEU A 67 44.37 -27.19 -9.16
CA LEU A 67 44.31 -28.15 -8.04
C LEU A 67 45.68 -28.62 -7.50
N LYS A 68 46.79 -28.22 -8.11
CA LYS A 68 47.87 -27.47 -7.39
C LYS A 68 47.66 -26.39 -6.32
N GLU A 69 47.31 -25.19 -6.74
CA GLU A 69 47.44 -24.03 -5.85
C GLU A 69 46.29 -23.86 -4.85
N LEU A 70 45.10 -24.31 -5.21
CA LEU A 70 43.90 -24.12 -4.40
C LEU A 70 43.92 -24.99 -3.14
N LYS A 71 43.69 -24.36 -1.99
CA LYS A 71 43.59 -25.08 -0.71
C LYS A 71 42.43 -24.54 0.13
N VAL A 72 41.78 -25.45 0.85
CA VAL A 72 40.65 -25.13 1.71
C VAL A 72 40.95 -25.58 3.14
N THR A 73 40.67 -24.70 4.11
CA THR A 73 40.82 -25.05 5.51
C THR A 73 39.58 -24.66 6.31
N ASP A 74 39.43 -25.27 7.48
CA ASP A 74 38.27 -25.04 8.34
C ASP A 74 38.52 -23.88 9.32
N LYS A 75 37.58 -23.66 10.24
CA LYS A 75 37.66 -22.57 11.21
C LYS A 75 38.90 -22.60 12.11
N ASN A 76 39.46 -23.80 12.31
CA ASN A 76 40.68 -23.97 13.13
C ASN A 76 41.95 -24.17 12.28
N GLN A 77 41.89 -23.71 11.02
CA GLN A 77 43.05 -23.73 10.11
C GLN A 77 43.47 -25.14 9.65
N ASN A 78 42.63 -26.15 9.88
CA ASN A 78 42.95 -27.53 9.50
C ASN A 78 42.52 -27.81 8.06
N ALA A 79 43.37 -28.54 7.33
CA ALA A 79 43.18 -28.79 5.91
C ALA A 79 41.96 -29.65 5.61
N ILE A 80 41.19 -29.26 4.60
CA ILE A 80 40.04 -30.03 4.13
C ILE A 80 40.31 -30.59 2.74
N GLN A 81 39.97 -31.86 2.54
CA GLN A 81 40.23 -32.54 1.26
C GLN A 81 39.24 -32.09 0.19
N ILE A 82 39.78 -31.66 -0.95
CA ILE A 82 38.97 -31.31 -2.11
C ILE A 82 38.67 -32.58 -2.92
N SER A 83 37.39 -32.94 -2.99
CA SER A 83 36.97 -34.13 -3.72
C SER A 83 37.10 -33.95 -5.25
N ASP A 84 36.67 -32.78 -5.73
CA ASP A 84 36.79 -32.43 -7.15
C ASP A 84 36.52 -30.93 -7.33
N ILE A 85 36.87 -30.40 -8.50
CA ILE A 85 36.51 -29.02 -8.87
C ILE A 85 35.94 -28.96 -10.30
N THR A 86 35.13 -27.93 -10.55
CA THR A 86 34.55 -27.68 -11.87
C THR A 86 34.78 -26.21 -12.21
N LEU A 87 35.29 -25.96 -13.42
CA LEU A 87 35.57 -24.59 -13.88
C LEU A 87 34.41 -24.05 -14.72
N ASP A 88 33.87 -22.91 -14.30
CA ASP A 88 32.94 -22.14 -15.12
C ASP A 88 33.69 -20.90 -15.65
N THR A 89 34.25 -21.01 -16.86
CA THR A 89 35.07 -19.95 -17.43
C THR A 89 34.25 -18.71 -17.83
N SER A 90 32.98 -18.92 -18.14
CA SER A 90 32.07 -17.81 -18.49
C SER A 90 31.86 -16.88 -17.30
N LYS A 91 31.55 -17.46 -16.15
CA LYS A 91 31.28 -16.68 -14.94
C LYS A 91 32.54 -16.46 -14.11
N SER A 92 33.66 -17.04 -14.55
CA SER A 92 34.94 -16.99 -13.83
C SER A 92 34.76 -17.44 -12.38
N LEU A 93 33.97 -18.49 -12.19
CA LEU A 93 33.79 -19.08 -10.87
C LEU A 93 34.21 -20.55 -10.88
N LEU A 94 34.76 -20.98 -9.76
CA LEU A 94 35.23 -22.34 -9.57
C LEU A 94 34.34 -23.01 -8.53
N ILE A 95 33.69 -24.11 -8.91
CA ILE A 95 32.86 -24.88 -7.98
C ILE A 95 33.72 -25.96 -7.33
N ILE A 96 33.82 -25.89 -5.99
CA ILE A 96 34.71 -26.75 -5.21
C ILE A 96 33.87 -27.77 -4.43
N LYS A 97 34.18 -29.05 -4.59
CA LYS A 97 33.46 -30.15 -3.95
C LYS A 97 34.27 -30.80 -2.83
N GLY A 98 33.57 -31.23 -1.79
CA GLY A 98 34.18 -31.87 -0.63
C GLY A 98 33.17 -31.97 0.51
N ASP A 99 33.62 -32.41 1.68
CA ASP A 99 32.74 -32.50 2.85
C ASP A 99 32.92 -31.25 3.71
N PHE A 100 31.99 -30.31 3.56
CA PHE A 100 32.09 -29.01 4.24
C PHE A 100 31.04 -28.86 5.34
N ASN A 101 31.30 -29.49 6.48
CA ASN A 101 30.40 -29.45 7.63
C ASN A 101 30.30 -28.02 8.15
N PRO A 102 29.08 -27.42 8.11
CA PRO A 102 28.94 -26.02 8.53
C PRO A 102 29.28 -25.77 10.01
N LYS A 103 29.26 -26.83 10.82
CA LYS A 103 29.66 -26.72 12.23
C LYS A 103 31.17 -26.49 12.39
N GLN A 104 31.95 -26.89 11.39
CA GLN A 104 33.39 -26.62 11.34
C GLN A 104 33.69 -25.39 10.51
N GLY A 105 32.64 -24.73 10.00
CA GLY A 105 32.79 -23.55 9.16
C GLY A 105 32.93 -22.30 10.01
N HIS A 106 33.15 -21.13 9.41
CA HIS A 106 33.26 -20.95 7.97
C HIS A 106 34.62 -21.41 7.45
N PHE A 107 34.69 -21.69 6.16
CA PHE A 107 35.91 -22.19 5.56
C PHE A 107 36.77 -21.09 4.94
N ASN A 108 38.08 -21.27 4.98
CA ASN A 108 39.02 -20.36 4.34
C ASN A 108 39.47 -20.95 3.00
N ILE A 109 39.22 -20.22 1.93
CA ILE A 109 39.68 -20.60 0.59
C ILE A 109 40.91 -19.76 0.27
N SER A 110 41.97 -20.40 -0.20
CA SER A 110 43.22 -19.69 -0.49
C SER A 110 43.80 -20.04 -1.85
N TYR A 111 44.44 -19.05 -2.47
CA TYR A 111 45.01 -19.16 -3.80
C TYR A 111 46.00 -18.02 -4.00
N ASN A 112 47.29 -18.35 -4.15
CA ASN A 112 48.31 -17.36 -4.49
C ASN A 112 48.39 -16.13 -3.57
N GLY A 113 48.19 -16.31 -2.26
CA GLY A 113 48.30 -15.18 -1.33
C GLY A 113 46.98 -14.54 -0.91
N ASN A 114 45.96 -14.62 -1.78
CA ASN A 114 44.61 -14.21 -1.38
C ASN A 114 43.97 -15.29 -0.50
N ASN A 115 43.48 -14.89 0.66
CA ASN A 115 42.69 -15.75 1.53
C ASN A 115 41.34 -15.10 1.77
N VAL A 116 40.26 -15.84 1.48
CA VAL A 116 38.91 -15.34 1.71
C VAL A 116 38.10 -16.32 2.55
N THR A 117 37.22 -15.78 3.40
CA THR A 117 36.34 -16.60 4.24
C THR A 117 35.00 -16.80 3.54
N THR A 118 34.47 -18.02 3.61
CA THR A 118 33.21 -18.34 2.94
C THR A 118 32.03 -17.66 3.62
N ARG A 119 31.09 -17.21 2.79
CA ARG A 119 29.83 -16.63 3.23
C ARG A 119 28.74 -17.66 2.94
N GLN A 120 27.76 -17.79 3.83
CA GLN A 120 26.64 -18.70 3.58
C GLN A 120 25.63 -18.01 2.68
N SER A 121 25.27 -18.65 1.56
CA SER A 121 24.24 -18.10 0.67
C SER A 121 22.90 -18.14 1.39
N TRP A 122 21.98 -17.28 1.01
CA TRP A 122 20.66 -17.27 1.67
C TRP A 122 19.91 -18.60 1.50
N GLU A 123 20.07 -19.24 0.34
CA GLU A 123 19.48 -20.58 0.11
C GLU A 123 20.03 -21.61 1.10
N PHE A 124 21.34 -21.55 1.34
CA PHE A 124 22.01 -22.44 2.29
C PHE A 124 21.64 -22.08 3.74
N LYS A 125 21.49 -20.78 4.02
CA LYS A 125 21.02 -20.31 5.33
C LYS A 125 19.60 -20.83 5.62
N ASP A 126 18.74 -20.86 4.60
CA ASP A 126 17.40 -21.47 4.75
C ASP A 126 17.51 -22.97 4.97
N GLN A 127 18.38 -23.64 4.22
CA GLN A 127 18.60 -25.09 4.39
C GLN A 127 18.97 -25.41 5.82
N LEU A 128 19.85 -24.61 6.41
CA LEU A 128 20.36 -24.86 7.76
C LEU A 128 19.48 -24.31 8.88
N TYR A 129 18.91 -23.11 8.66
CA TYR A 129 18.32 -22.34 9.76
C TYR A 129 16.84 -21.99 9.62
N ALA A 130 16.23 -22.26 8.46
CA ALA A 130 14.81 -21.95 8.27
C ALA A 130 14.02 -22.52 9.45
N TYR A 131 13.21 -21.66 10.07
CA TYR A 131 12.54 -21.98 11.33
C TYR A 131 11.05 -21.76 11.19
N SER A 132 10.26 -22.66 11.75
CA SER A 132 8.80 -22.60 11.69
C SER A 132 8.11 -22.36 13.04
N GLY A 133 8.89 -22.23 14.11
CA GLY A 133 8.33 -22.04 15.45
C GLY A 133 7.95 -20.60 15.74
N ASN A 134 7.50 -20.35 16.97
CA ASN A 134 7.08 -19.01 17.37
C ASN A 134 8.26 -18.04 17.46
N LEU A 135 8.05 -16.82 16.97
CA LEU A 135 9.02 -15.74 17.09
C LEU A 135 8.39 -14.55 17.79
N GLY A 136 9.21 -13.82 18.55
CA GLY A 136 8.75 -12.67 19.32
C GLY A 136 8.66 -12.98 20.80
N ALA A 137 8.05 -12.07 21.55
CA ALA A 137 7.98 -12.14 23.00
C ALA A 137 6.53 -12.28 23.47
N VAL A 138 6.25 -13.35 24.21
CA VAL A 138 4.89 -13.68 24.64
C VAL A 138 4.75 -13.59 26.18
N LEU A 139 3.88 -12.69 26.65
CA LEU A 139 3.56 -12.59 28.08
C LEU A 139 2.62 -13.72 28.48
N ASN A 140 2.76 -14.22 29.70
CA ASN A 140 1.75 -15.11 30.27
C ASN A 140 0.56 -14.29 30.80
N GLN A 141 -0.47 -14.97 31.31
CA GLN A 141 -1.74 -14.32 31.64
C GLN A 141 -1.60 -13.17 32.64
N ASP A 142 -0.84 -13.39 33.70
CA ASP A 142 -0.69 -12.39 34.77
C ASP A 142 0.54 -11.48 34.60
N GLY A 143 1.32 -11.71 33.54
CA GLY A 143 2.49 -10.89 33.22
C GLY A 143 3.76 -11.24 33.96
N SER A 144 3.73 -12.32 34.74
CA SER A 144 4.88 -12.71 35.58
C SER A 144 6.02 -13.34 34.80
N LYS A 145 5.76 -13.78 33.56
CA LYS A 145 6.77 -14.45 32.73
C LYS A 145 6.64 -14.10 31.25
N VAL A 146 7.77 -13.84 30.60
CA VAL A 146 7.82 -13.65 29.15
C VAL A 146 8.67 -14.75 28.50
N GLU A 147 8.10 -15.43 27.50
CA GLU A 147 8.86 -16.34 26.62
C GLU A 147 9.27 -15.61 25.35
N ALA A 148 10.57 -15.45 25.14
CA ALA A 148 11.12 -14.65 24.04
C ALA A 148 11.92 -15.52 23.06
N SER A 149 11.82 -15.16 21.78
CA SER A 149 12.54 -15.85 20.71
C SER A 149 12.99 -14.85 19.64
N LEU A 150 14.26 -14.96 19.22
CA LEU A 150 14.82 -14.14 18.15
C LEU A 150 15.67 -15.01 17.21
N TRP A 151 15.38 -14.94 15.92
CA TRP A 151 16.14 -15.70 14.90
C TRP A 151 17.38 -14.91 14.48
N SER A 152 18.55 -15.51 14.63
CA SER A 152 19.82 -14.85 14.28
C SER A 152 20.98 -15.84 14.26
N PRO A 153 21.07 -16.66 13.19
CA PRO A 153 21.94 -17.84 13.21
C PRO A 153 23.45 -17.54 13.23
N SER A 154 23.89 -16.36 12.80
CA SER A 154 25.31 -16.03 12.72
CA SER A 154 25.32 -16.04 12.72
C SER A 154 25.85 -15.32 13.97
N ALA A 155 24.98 -15.07 14.96
CA ALA A 155 25.37 -14.38 16.19
C ALA A 155 26.25 -15.22 17.11
N ASP A 156 27.27 -14.60 17.71
CA ASP A 156 28.07 -15.23 18.78
C ASP A 156 27.31 -15.24 20.09
N SER A 157 26.58 -14.16 20.35
CA SER A 157 25.77 -14.03 21.56
C SER A 157 24.64 -13.02 21.34
N VAL A 158 23.55 -13.22 22.06
CA VAL A 158 22.41 -12.31 22.03
C VAL A 158 21.99 -12.03 23.47
N THR A 159 21.87 -10.74 23.79
CA THR A 159 21.48 -10.29 25.13
C THR A 159 20.29 -9.36 25.04
N MET A 160 19.29 -9.58 25.88
CA MET A 160 18.15 -8.67 25.98
C MET A 160 18.44 -7.58 27.01
N ILE A 161 18.16 -6.33 26.63
CA ILE A 161 18.26 -5.20 27.54
C ILE A 161 16.84 -4.71 27.81
N ILE A 162 16.49 -4.60 29.09
CA ILE A 162 15.12 -4.26 29.49
C ILE A 162 15.06 -2.86 30.07
N TYR A 163 14.07 -2.09 29.64
CA TYR A 163 13.94 -0.67 30.01
C TYR A 163 12.64 -0.41 30.76
N ASP A 164 12.72 0.48 31.76
CA ASP A 164 11.57 0.84 32.60
C ASP A 164 10.37 1.29 31.78
N LYS A 165 9.22 0.68 32.04
CA LYS A 165 7.95 1.04 31.40
C LYS A 165 7.59 2.52 31.56
N ASP A 166 7.88 3.08 32.73
CA ASP A 166 7.56 4.48 33.04
C ASP A 166 8.72 5.45 32.77
N ASN A 167 9.82 4.95 32.21
CA ASN A 167 10.99 5.77 31.86
C ASN A 167 11.85 4.97 30.88
N GLN A 168 11.53 5.06 29.60
CA GLN A 168 12.12 4.17 28.59
C GLN A 168 13.64 4.27 28.42
N ASN A 169 14.25 5.35 28.90
CA ASN A 169 15.71 5.50 28.85
C ASN A 169 16.45 4.78 29.98
N ARG A 170 15.72 4.29 30.97
CA ARG A 170 16.31 3.67 32.17
C ARG A 170 16.46 2.15 32.04
N VAL A 171 17.71 1.69 31.92
CA VAL A 171 18.00 0.24 31.89
C VAL A 171 17.79 -0.35 33.28
N VAL A 172 16.98 -1.40 33.36
CA VAL A 172 16.67 -2.05 34.65
C VAL A 172 17.17 -3.50 34.77
N ALA A 173 17.46 -4.14 33.64
CA ALA A 173 17.94 -5.54 33.64
C ALA A 173 18.49 -5.96 32.28
N THR A 174 19.41 -6.92 32.30
CA THR A 174 19.87 -7.60 31.08
C THR A 174 20.01 -9.10 31.33
N THR A 175 19.81 -9.90 30.29
CA THR A 175 19.88 -11.36 30.41
C THR A 175 20.31 -11.99 29.08
N PRO A 176 21.17 -13.04 29.14
CA PRO A 176 21.62 -13.70 27.92
C PRO A 176 20.63 -14.74 27.41
N LEU A 177 20.47 -14.80 26.09
CA LEU A 177 19.64 -15.84 25.47
C LEU A 177 20.49 -17.04 25.06
N VAL A 178 19.83 -18.18 24.86
CA VAL A 178 20.47 -19.43 24.45
C VAL A 178 20.00 -19.83 23.04
N LYS A 179 20.94 -20.24 22.19
CA LYS A 179 20.68 -20.55 20.79
C LYS A 179 20.36 -22.03 20.59
N ASN A 180 19.38 -22.32 19.74
CA ASN A 180 19.06 -23.71 19.36
C ASN A 180 19.67 -24.07 17.99
N ASN A 181 19.39 -25.27 17.50
CA ASN A 181 20.01 -25.79 16.27
C ASN A 181 19.62 -25.02 14.99
N LYS A 182 18.48 -24.35 15.01
CA LYS A 182 18.02 -23.56 13.86
C LYS A 182 18.42 -22.08 13.95
N GLY A 183 19.32 -21.75 14.89
CA GLY A 183 19.79 -20.38 15.07
C GLY A 183 18.81 -19.46 15.76
N VAL A 184 17.91 -20.02 16.56
CA VAL A 184 16.89 -19.25 17.28
C VAL A 184 17.30 -19.05 18.74
N TRP A 185 17.54 -17.80 19.11
CA TRP A 185 17.94 -17.45 20.47
C TRP A 185 16.72 -17.29 21.36
N GLN A 186 16.76 -17.92 22.54
CA GLN A 186 15.59 -17.98 23.41
C GLN A 186 15.91 -17.77 24.89
N THR A 187 14.94 -17.24 25.62
CA THR A 187 14.97 -17.20 27.08
C THR A 187 13.56 -17.10 27.66
N ILE A 188 13.48 -17.22 28.98
CA ILE A 188 12.25 -16.99 29.73
C ILE A 188 12.52 -15.96 30.84
N LEU A 189 11.84 -14.82 30.75
CA LEU A 189 11.95 -13.79 31.79
C LEU A 189 11.04 -14.15 32.95
N ASP A 190 11.53 -13.93 34.18
CA ASP A 190 10.78 -14.31 35.38
C ASP A 190 11.29 -13.52 36.60
N THR A 191 11.10 -14.05 37.81
CA THR A 191 11.45 -13.32 39.04
C THR A 191 12.93 -12.98 39.17
N LYS A 192 13.79 -13.72 38.47
CA LYS A 192 15.25 -13.54 38.57
C LYS A 192 15.75 -12.15 38.17
N LEU A 193 14.99 -11.42 37.36
CA LEU A 193 15.36 -10.06 36.95
C LEU A 193 14.71 -8.98 37.82
N GLY A 194 14.09 -9.39 38.93
CA GLY A 194 13.59 -8.45 39.94
C GLY A 194 12.33 -7.70 39.54
N ILE A 195 11.62 -8.19 38.52
CA ILE A 195 10.42 -7.53 37.99
C ILE A 195 9.21 -8.45 38.14
N LYS A 196 8.16 -7.96 38.78
CA LYS A 196 6.98 -8.78 39.10
C LYS A 196 5.99 -8.88 37.95
N ASN A 197 5.82 -7.79 37.20
CA ASN A 197 4.92 -7.74 36.05
C ASN A 197 5.63 -7.03 34.90
N TYR A 198 5.88 -7.77 33.82
CA TYR A 198 6.63 -7.26 32.67
C TYR A 198 5.78 -6.44 31.70
N THR A 199 4.46 -6.40 31.92
CA THR A 199 3.55 -5.66 31.05
C THR A 199 3.98 -4.19 30.96
N GLY A 200 4.13 -3.69 29.73
CA GLY A 200 4.51 -2.30 29.50
C GLY A 200 6.01 -2.01 29.47
N TYR A 201 6.83 -2.95 29.94
CA TYR A 201 8.29 -2.77 29.88
C TYR A 201 8.79 -2.88 28.45
N TYR A 202 9.95 -2.27 28.18
CA TYR A 202 10.50 -2.21 26.83
C TYR A 202 11.81 -3.00 26.74
N TYR A 203 12.16 -3.43 25.53
CA TYR A 203 13.37 -4.23 25.32
C TYR A 203 14.03 -4.03 23.97
N LEU A 204 15.37 -4.14 23.98
CA LEU A 204 16.16 -4.26 22.76
C LEU A 204 17.01 -5.53 22.87
N TYR A 205 17.54 -5.99 21.74
CA TYR A 205 18.50 -7.10 21.73
C TYR A 205 19.87 -6.60 21.31
N GLU A 206 20.90 -6.93 22.09
CA GLU A 206 22.28 -6.65 21.71
C GLU A 206 22.93 -7.90 21.12
N ILE A 207 23.28 -7.82 19.84
CA ILE A 207 23.86 -8.96 19.12
C ILE A 207 25.36 -8.75 18.96
N LYS A 208 26.13 -9.77 19.28
CA LYS A 208 27.58 -9.73 19.11
C LYS A 208 28.00 -10.70 18.02
N ARG A 209 28.75 -10.19 17.04
CA ARG A 209 29.40 -11.02 16.02
C ARG A 209 30.86 -10.59 15.93
N GLY A 210 31.72 -11.34 16.61
CA GLY A 210 33.13 -10.98 16.73
C GLY A 210 33.31 -9.75 17.62
N LYS A 211 34.01 -8.75 17.10
CA LYS A 211 34.31 -7.53 17.85
C LYS A 211 33.12 -6.57 17.94
N ASP A 212 32.21 -6.64 16.97
CA ASP A 212 31.11 -5.68 16.86
C ASP A 212 29.89 -6.06 17.70
N LYS A 213 29.29 -5.05 18.33
CA LYS A 213 28.01 -5.18 19.04
C LYS A 213 27.02 -4.17 18.49
N VAL A 214 25.77 -4.58 18.35
CA VAL A 214 24.72 -3.66 17.89
C VAL A 214 23.37 -3.96 18.56
N LYS A 215 22.60 -2.90 18.81
CA LYS A 215 21.30 -3.02 19.47
C LYS A 215 20.17 -2.97 18.44
N ILE A 216 19.35 -4.02 18.41
CA ILE A 216 18.34 -4.19 17.35
C ILE A 216 16.90 -4.22 17.87
N LEU A 217 15.96 -4.01 16.95
CA LEU A 217 14.52 -4.00 17.25
C LEU A 217 13.92 -5.34 16.86
N ASP A 218 13.29 -6.02 17.81
CA ASP A 218 12.59 -7.27 17.56
C ASP A 218 11.61 -7.08 16.39
N PRO A 219 11.86 -7.77 15.25
CA PRO A 219 10.95 -7.62 14.12
C PRO A 219 9.52 -8.11 14.37
N TYR A 220 9.34 -9.02 15.33
CA TYR A 220 8.03 -9.55 15.71
C TYR A 220 7.41 -8.83 16.91
N ALA A 221 7.94 -7.65 17.24
CA ALA A 221 7.40 -6.81 18.31
C ALA A 221 5.93 -6.41 18.04
N LYS A 222 5.07 -6.62 19.04
CA LYS A 222 3.65 -6.35 18.92
C LYS A 222 3.27 -4.93 19.34
N SER A 223 4.17 -4.26 20.05
CA SER A 223 4.05 -2.83 20.32
C SER A 223 5.42 -2.22 20.64
N LEU A 224 5.44 -0.91 20.86
CA LEU A 224 6.68 -0.16 21.03
C LEU A 224 6.55 0.95 22.06
N ALA A 225 7.69 1.42 22.56
CA ALA A 225 7.77 2.65 23.36
C ALA A 225 7.48 3.84 22.47
N GLU A 226 6.95 4.91 23.06
CA GLU A 226 6.74 6.17 22.33
C GLU A 226 8.02 6.53 21.58
N TRP A 227 7.87 6.92 20.31
CA TRP A 227 9.01 7.05 19.40
C TRP A 227 9.17 8.47 18.87
N ASP A 228 10.39 8.97 18.97
CA ASP A 228 10.76 10.26 18.41
C ASP A 228 12.12 10.09 17.72
N SER A 229 12.13 10.12 16.38
CA SER A 229 13.34 9.82 15.61
C SER A 229 14.49 10.81 15.82
N ASN A 230 14.19 11.99 16.40
CA ASN A 230 15.22 12.93 16.81
C ASN A 230 16.16 12.37 17.89
N THR A 231 15.69 11.37 18.65
CA THR A 231 16.48 10.77 19.73
C THR A 231 17.52 9.75 19.26
N VAL A 232 17.52 9.42 17.97
CA VAL A 232 18.48 8.47 17.41
C VAL A 232 19.93 8.88 17.67
N ASN A 233 20.76 7.92 18.06
CA ASN A 233 22.22 8.12 18.12
C ASN A 233 22.96 6.91 17.56
N ASP A 234 24.27 6.87 17.73
CA ASP A 234 25.09 5.75 17.23
C ASP A 234 24.83 4.43 17.96
N ASP A 235 24.35 4.52 19.20
CA ASP A 235 24.14 3.34 20.03
C ASP A 235 22.73 2.77 19.89
N ILE A 236 21.73 3.62 20.09
CA ILE A 236 20.33 3.22 19.94
C ILE A 236 19.71 4.02 18.79
N LYS A 237 19.37 3.32 17.72
CA LYS A 237 18.90 3.96 16.47
C LYS A 237 17.58 3.39 15.96
N THR A 238 16.82 2.79 16.88
CA THR A 238 15.50 2.26 16.59
C THR A 238 14.58 2.54 17.78
N ALA A 239 13.28 2.38 17.55
CA ALA A 239 12.33 2.35 18.65
C ALA A 239 12.61 1.10 19.48
N LYS A 240 12.06 1.07 20.70
CA LYS A 240 12.21 -0.08 21.57
C LYS A 240 10.93 -0.91 21.55
N ALA A 241 11.08 -2.24 21.52
CA ALA A 241 9.91 -3.12 21.57
C ALA A 241 9.24 -3.07 22.94
N ALA A 242 7.99 -3.50 23.01
CA ALA A 242 7.23 -3.48 24.26
C ALA A 242 6.63 -4.85 24.55
N PHE A 243 6.54 -5.19 25.83
CA PHE A 243 5.86 -6.42 26.25
C PHE A 243 4.37 -6.14 26.40
N VAL A 244 3.57 -6.74 25.51
CA VAL A 244 2.12 -6.59 25.54
C VAL A 244 1.40 -7.91 25.24
N ASN A 245 0.11 -7.95 25.59
CA ASN A 245 -0.76 -9.09 25.33
C ASN A 245 -1.98 -8.64 24.51
N PRO A 246 -1.84 -8.62 23.16
CA PRO A 246 -2.88 -8.16 22.24
C PRO A 246 -4.28 -8.71 22.50
N SER A 247 -4.37 -10.01 22.78
CA SER A 247 -5.65 -10.71 22.96
C SER A 247 -6.46 -10.18 24.14
N GLN A 248 -5.79 -9.61 25.14
CA GLN A 248 -6.45 -9.07 26.32
C GLN A 248 -7.00 -7.65 26.10
N LEU A 249 -6.62 -7.01 24.98
CA LEU A 249 -6.95 -5.60 24.74
C LEU A 249 -8.06 -5.40 23.70
N GLY A 250 -8.78 -4.29 23.84
CA GLY A 250 -9.86 -3.95 22.90
C GLY A 250 -11.11 -4.78 23.12
N PRO A 251 -12.16 -4.53 22.31
CA PRO A 251 -13.40 -5.30 22.40
C PRO A 251 -13.14 -6.79 22.20
N GLN A 252 -13.60 -7.61 23.14
CA GLN A 252 -13.33 -9.05 23.13
C GLN A 252 -14.22 -9.83 22.16
N ASN A 253 -15.27 -9.18 21.65
CA ASN A 253 -16.13 -9.79 20.63
C ASN A 253 -15.83 -9.29 19.21
N LEU A 254 -14.64 -8.71 19.02
CA LEU A 254 -14.21 -8.21 17.72
C LEU A 254 -14.35 -9.33 16.69
N SER A 255 -15.00 -9.01 15.57
CA SER A 255 -15.28 -9.98 14.51
C SER A 255 -15.03 -9.35 13.16
N PHE A 256 -14.99 -10.17 12.12
CA PHE A 256 -14.86 -9.66 10.76
C PHE A 256 -16.11 -8.93 10.31
N ALA A 257 -15.98 -8.17 9.22
CA ALA A 257 -17.08 -7.34 8.75
C ALA A 257 -18.31 -8.15 8.36
N LYS A 258 -19.48 -7.52 8.44
CA LYS A 258 -20.71 -8.06 7.89
C LYS A 258 -21.28 -7.04 6.92
N ILE A 259 -20.78 -7.10 5.69
CA ILE A 259 -21.16 -6.16 4.62
C ILE A 259 -22.36 -6.74 3.88
N ALA A 260 -23.46 -5.98 3.80
CA ALA A 260 -24.67 -6.45 3.13
C ALA A 260 -24.44 -6.65 1.64
N ASN A 261 -24.85 -7.81 1.12
CA ASN A 261 -24.75 -8.13 -0.31
C ASN A 261 -23.33 -7.96 -0.88
N PHE A 262 -22.34 -8.40 -0.10
CA PHE A 262 -20.95 -8.41 -0.53
C PHE A 262 -20.55 -9.87 -0.81
N LYS A 263 -20.42 -10.22 -2.08
CA LYS A 263 -20.19 -11.61 -2.50
C LYS A 263 -18.84 -11.82 -3.17
N GLY A 264 -18.01 -10.78 -3.21
CA GLY A 264 -16.74 -10.87 -3.93
C GLY A 264 -16.06 -9.52 -4.09
N ARG A 265 -14.81 -9.57 -4.55
CA ARG A 265 -13.98 -8.36 -4.72
C ARG A 265 -14.59 -7.31 -5.66
N GLN A 266 -15.40 -7.76 -6.63
CA GLN A 266 -16.11 -6.86 -7.54
C GLN A 266 -17.25 -6.04 -6.88
N ASP A 267 -17.67 -6.45 -5.68
CA ASP A 267 -18.69 -5.72 -4.92
C ASP A 267 -18.10 -4.63 -4.00
N ALA A 268 -16.78 -4.60 -3.88
CA ALA A 268 -16.11 -3.62 -3.01
C ALA A 268 -16.13 -2.21 -3.58
N VAL A 269 -16.45 -1.25 -2.71
CA VAL A 269 -16.28 0.18 -3.01
C VAL A 269 -15.36 0.75 -1.95
N ILE A 270 -14.09 0.93 -2.31
CA ILE A 270 -13.03 1.23 -1.34
C ILE A 270 -12.81 2.74 -1.21
N TYR A 271 -12.64 3.19 0.02
CA TYR A 271 -12.45 4.61 0.35
C TYR A 271 -11.09 4.77 1.05
N GLU A 272 -10.16 5.48 0.41
CA GLU A 272 -8.78 5.62 0.92
C GLU A 272 -8.57 6.89 1.77
N ALA A 273 -8.36 6.69 3.06
CA ALA A 273 -8.14 7.80 4.02
C ALA A 273 -6.89 7.62 4.88
N HIS A 274 -6.26 8.75 5.21
CA HIS A 274 -5.18 8.83 6.18
C HIS A 274 -5.80 9.26 7.53
N VAL A 275 -5.38 8.60 8.61
CA VAL A 275 -6.00 8.79 9.93
C VAL A 275 -5.86 10.21 10.48
N ARG A 276 -4.73 10.85 10.21
CA ARG A 276 -4.51 12.25 10.53
C ARG A 276 -5.43 13.16 9.70
N ASP A 277 -5.33 13.02 8.37
CA ASP A 277 -6.09 13.87 7.43
C ASP A 277 -7.57 13.98 7.79
N PHE A 278 -8.17 12.85 8.12
CA PHE A 278 -9.62 12.72 8.21
C PHE A 278 -10.25 13.51 9.36
N THR A 279 -9.44 13.91 10.35
CA THR A 279 -9.94 14.68 11.50
C THR A 279 -9.00 15.79 12.00
N SER A 280 -8.11 16.29 11.12
CA SER A 280 -7.18 17.36 11.50
C SER A 280 -7.70 18.77 11.19
N ASP A 281 -8.88 18.88 10.60
CA ASP A 281 -9.49 20.18 10.27
C ASP A 281 -9.71 21.03 11.53
N GLN A 282 -9.22 22.26 11.49
CA GLN A 282 -9.43 23.24 12.57
C GLN A 282 -10.92 23.45 12.85
N SER A 283 -11.74 23.26 11.82
CA SER A 283 -13.20 23.33 11.92
C SER A 283 -13.78 22.41 12.99
N LEU A 284 -13.10 21.29 13.26
CA LEU A 284 -13.57 20.31 14.22
C LEU A 284 -13.22 20.65 15.68
N ASP A 285 -12.42 21.69 15.89
CA ASP A 285 -12.06 22.11 17.24
C ASP A 285 -13.32 22.48 18.02
N GLY A 286 -13.55 21.78 19.12
CA GLY A 286 -14.75 21.97 19.93
C GLY A 286 -15.88 21.02 19.56
N LYS A 287 -15.79 20.40 18.38
CA LYS A 287 -16.74 19.35 17.98
C LYS A 287 -16.31 18.06 18.72
N LEU A 288 -15.01 17.75 18.85
CA LEU A 288 -14.51 16.41 18.51
C LEU A 288 -14.33 16.04 19.99
N LYS A 289 -14.85 14.90 20.44
CA LYS A 289 -14.69 14.48 21.84
C LYS A 289 -13.29 13.92 22.13
N ASN A 290 -12.62 13.42 21.08
CA ASN A 290 -11.30 12.84 21.21
C ASN A 290 -10.25 13.69 20.52
N GLN A 291 -8.98 13.36 20.73
CA GLN A 291 -7.87 14.14 20.22
C GLN A 291 -7.78 14.02 18.70
N LEU A 292 -7.49 15.13 18.04
CA LEU A 292 -7.47 15.17 16.58
C LEU A 292 -6.42 14.23 15.99
N GLY A 293 -6.75 13.62 14.86
CA GLY A 293 -5.82 12.77 14.12
C GLY A 293 -5.51 11.42 14.76
N THR A 294 -6.43 10.93 15.58
CA THR A 294 -6.27 9.64 16.26
C THR A 294 -7.33 8.65 15.79
N PHE A 295 -7.12 7.37 16.11
CA PHE A 295 -8.11 6.31 15.86
C PHE A 295 -9.45 6.64 16.51
N ALA A 296 -9.39 7.16 17.73
CA ALA A 296 -10.58 7.49 18.52
C ALA A 296 -11.39 8.65 17.92
N ALA A 297 -10.71 9.62 17.30
CA ALA A 297 -11.39 10.72 16.60
C ALA A 297 -12.01 10.24 15.28
N PHE A 298 -11.27 9.42 14.55
CA PHE A 298 -11.75 8.85 13.27
C PHE A 298 -13.14 8.23 13.43
N SER A 299 -13.36 7.49 14.53
CA SER A 299 -14.64 6.84 14.78
C SER A 299 -15.82 7.81 14.89
N GLU A 300 -15.53 9.04 15.33
CA GLU A 300 -16.54 10.09 15.46
C GLU A 300 -17.05 10.62 14.11
N LYS A 301 -16.41 10.21 13.01
CA LYS A 301 -16.79 10.63 11.67
C LYS A 301 -17.16 9.48 10.73
N LEU A 302 -17.44 8.30 11.29
CA LEU A 302 -17.82 7.13 10.50
C LEU A 302 -19.24 7.19 9.95
N ASP A 303 -20.12 7.91 10.64
CA ASP A 303 -21.50 8.12 10.17
C ASP A 303 -21.50 8.74 8.77
N TYR A 304 -20.64 9.72 8.54
CA TYR A 304 -20.45 10.33 7.22
C TYR A 304 -20.14 9.29 6.14
N LEU A 305 -19.22 8.39 6.45
CA LEU A 305 -18.81 7.35 5.51
C LEU A 305 -19.87 6.26 5.37
N GLN A 306 -20.57 5.95 6.45
CA GLN A 306 -21.72 5.03 6.39
C GLN A 306 -22.77 5.59 5.43
N LYS A 307 -23.09 6.87 5.56
CA LYS A 307 -24.04 7.54 4.68
C LYS A 307 -23.52 7.62 3.24
N LEU A 308 -22.23 7.96 3.09
CA LEU A 308 -21.59 8.04 1.77
C LEU A 308 -21.82 6.76 0.97
N GLY A 309 -21.69 5.61 1.64
CA GLY A 309 -22.09 4.31 1.08
C GLY A 309 -20.96 3.36 0.71
N VAL A 310 -19.72 3.74 1.00
CA VAL A 310 -18.57 2.90 0.71
C VAL A 310 -18.65 1.62 1.54
N THR A 311 -18.07 0.54 1.02
CA THR A 311 -18.09 -0.76 1.72
C THR A 311 -16.86 -0.94 2.60
N HIS A 312 -15.70 -0.48 2.11
CA HIS A 312 -14.42 -0.64 2.78
C HIS A 312 -13.69 0.69 2.99
N ILE A 313 -13.17 0.89 4.19
CA ILE A 313 -12.32 2.04 4.49
C ILE A 313 -10.86 1.57 4.48
N GLN A 314 -10.08 2.12 3.55
CA GLN A 314 -8.65 1.83 3.45
C GLN A 314 -7.84 2.88 4.21
N LEU A 315 -7.03 2.42 5.16
CA LEU A 315 -6.19 3.32 5.96
C LEU A 315 -4.76 3.29 5.48
N LEU A 316 -4.20 4.48 5.24
CA LEU A 316 -2.76 4.61 4.99
C LEU A 316 -1.97 4.01 6.16
N PRO A 317 -0.69 3.67 5.94
CA PRO A 317 0.08 2.86 6.88
C PRO A 317 -0.06 3.21 8.38
N VAL A 318 -0.73 2.33 9.12
CA VAL A 318 -0.89 2.48 10.57
C VAL A 318 0.19 1.73 11.35
N LEU A 319 0.97 0.89 10.67
CA LEU A 319 2.13 0.25 11.31
C LEU A 319 3.26 1.26 11.51
N SER A 320 4.15 0.97 12.45
CA SER A 320 5.16 1.93 12.88
C SER A 320 6.03 2.39 11.73
N TYR A 321 6.12 3.70 11.56
CA TYR A 321 7.04 4.32 10.60
C TYR A 321 8.06 5.19 11.31
N PHE A 322 9.18 5.43 10.65
CA PHE A 322 10.41 5.89 11.30
C PHE A 322 10.50 7.40 11.51
N TYR A 323 10.33 8.16 10.43
CA TYR A 323 10.52 9.61 10.49
C TYR A 323 9.31 10.31 11.10
N VAL A 324 9.32 10.44 12.42
CA VAL A 324 8.18 11.00 13.17
C VAL A 324 8.56 11.29 14.62
N ASN A 325 7.86 12.25 15.21
CA ASN A 325 7.88 12.51 16.65
C ASN A 325 6.47 12.32 17.17
N GLU A 326 6.23 11.18 17.80
CA GLU A 326 4.89 10.82 18.25
C GLU A 326 4.44 11.61 19.48
N MET A 327 5.38 12.32 20.12
CA MET A 327 5.07 13.16 21.27
C MET A 327 4.65 14.59 20.88
N ASP A 328 4.63 14.88 19.58
CA ASP A 328 4.20 16.18 19.06
C ASP A 328 2.94 15.97 18.20
N LYS A 329 1.78 16.26 18.79
CA LYS A 329 0.50 16.14 18.08
C LYS A 329 0.00 17.48 17.52
N SER A 330 0.86 18.50 17.58
CA SER A 330 0.47 19.85 17.19
C SER A 330 0.10 19.95 15.71
N ARG A 331 -0.91 20.78 15.43
CA ARG A 331 -1.31 21.09 14.06
C ARG A 331 -0.29 22.00 13.40
N SER A 332 0.09 21.64 12.17
CA SER A 332 0.92 22.50 11.33
C SER A 332 -0.01 23.35 10.48
N THR A 333 -0.06 24.64 10.79
CA THR A 333 -1.08 25.54 10.25
C THR A 333 -0.61 26.33 9.03
N ALA A 334 0.71 26.52 8.91
CA ALA A 334 1.28 27.12 7.72
C ALA A 334 1.17 26.15 6.55
N TYR A 335 0.97 26.69 5.35
CA TYR A 335 0.93 25.88 4.13
C TYR A 335 2.35 25.65 3.62
N THR A 336 2.88 24.45 3.88
CA THR A 336 4.21 24.06 3.43
C THR A 336 4.17 22.65 2.85
N SER A 337 5.15 22.32 2.01
CA SER A 337 5.22 21.01 1.37
C SER A 337 6.43 20.19 1.82
N SER A 338 7.11 20.65 2.87
CA SER A 338 8.30 19.98 3.38
C SER A 338 8.50 20.29 4.85
N ASP A 339 9.24 19.41 5.53
CA ASP A 339 9.68 19.63 6.91
C ASP A 339 8.51 19.76 7.89
N ASN A 340 7.61 18.79 7.82
CA ASN A 340 6.50 18.68 8.77
C ASN A 340 6.55 17.34 9.49
N ASN A 341 6.09 17.34 10.74
CA ASN A 341 5.99 16.10 11.52
C ASN A 341 5.05 15.10 10.85
N TYR A 342 4.14 15.63 10.03
CA TYR A 342 3.27 14.83 9.18
C TYR A 342 4.05 13.78 8.38
N ASN A 343 3.43 12.61 8.21
CA ASN A 343 4.02 11.53 7.42
C ASN A 343 2.92 10.59 6.96
N TRP A 344 2.89 10.27 5.66
CA TRP A 344 1.93 9.28 5.14
C TRP A 344 2.15 7.93 5.81
N GLY A 345 3.42 7.57 6.00
CA GLY A 345 3.81 6.34 6.68
C GLY A 345 4.57 5.32 5.85
N TYR A 346 5.13 5.74 4.72
CA TYR A 346 5.86 4.82 3.84
C TYR A 346 7.36 4.80 4.16
N ASP A 347 7.67 4.83 5.46
CA ASP A 347 9.03 4.66 5.98
C ASP A 347 9.00 3.59 7.08
N PRO A 348 8.77 2.32 6.69
CA PRO A 348 8.47 1.26 7.66
C PRO A 348 9.56 0.96 8.70
N GLN A 349 9.14 0.93 9.97
CA GLN A 349 9.99 0.50 11.06
C GLN A 349 9.58 -0.89 11.57
N SER A 350 8.28 -1.13 11.69
CA SER A 350 7.76 -2.44 12.12
C SER A 350 6.62 -2.92 11.22
N TYR A 351 6.48 -4.24 11.12
CA TYR A 351 5.40 -4.86 10.34
C TYR A 351 4.32 -5.50 11.21
N PHE A 352 4.56 -5.52 12.52
CA PHE A 352 3.61 -6.03 13.52
C PHE A 352 3.13 -4.94 14.47
N ALA A 353 4.06 -4.07 14.88
CA ALA A 353 3.78 -3.04 15.88
C ALA A 353 3.19 -1.77 15.24
N LEU A 354 2.08 -1.31 15.81
CA LEU A 354 1.37 -0.12 15.33
C LEU A 354 2.15 1.15 15.63
N SER A 355 1.90 2.19 14.84
CA SER A 355 2.45 3.51 15.09
C SER A 355 1.80 4.10 16.35
N GLY A 356 2.59 4.83 17.13
CA GLY A 356 2.06 5.58 18.26
C GLY A 356 1.46 6.94 17.88
N MET A 357 1.60 7.33 16.61
CA MET A 357 1.13 8.65 16.15
C MET A 357 -0.40 8.82 16.24
N TYR A 358 -1.14 7.72 16.11
CA TYR A 358 -2.60 7.76 16.09
C TYR A 358 -3.23 7.32 17.40
N SER A 359 -2.40 7.24 18.44
CA SER A 359 -2.83 6.87 19.77
C SER A 359 -2.94 8.12 20.66
N GLU A 360 -3.97 8.14 21.50
CA GLU A 360 -4.12 9.21 22.48
C GLU A 360 -3.08 9.08 23.61
N LYS A 361 -2.60 7.86 23.84
CA LYS A 361 -1.63 7.58 24.91
C LYS A 361 -0.44 6.80 24.39
N PRO A 362 0.43 7.45 23.58
CA PRO A 362 1.59 6.76 22.97
C PRO A 362 2.58 6.14 23.96
N LYS A 363 2.64 6.67 25.18
CA LYS A 363 3.53 6.14 26.23
C LYS A 363 3.02 4.85 26.86
N ASP A 364 1.76 4.48 26.60
CA ASP A 364 1.19 3.20 27.00
C ASP A 364 1.11 2.29 25.76
N PRO A 365 1.98 1.25 25.67
CA PRO A 365 2.03 0.44 24.45
C PRO A 365 0.79 -0.44 24.20
N SER A 366 -0.02 -0.65 25.22
CA SER A 366 -1.24 -1.43 25.08
C SER A 366 -2.38 -0.62 24.45
N ALA A 367 -2.34 0.71 24.63
CA ALA A 367 -3.44 1.58 24.22
C ALA A 367 -3.75 1.51 22.73
N ARG A 368 -2.73 1.67 21.88
CA ARG A 368 -2.91 1.71 20.43
C ARG A 368 -3.54 0.44 19.84
N ILE A 369 -3.24 -0.71 20.44
CA ILE A 369 -3.85 -1.98 20.05
C ILE A 369 -5.34 -1.94 20.37
N ALA A 370 -5.67 -1.47 21.57
CA ALA A 370 -7.06 -1.31 22.00
C ALA A 370 -7.78 -0.23 21.17
N GLU A 371 -7.08 0.84 20.85
CA GLU A 371 -7.66 1.95 20.08
C GLU A 371 -7.96 1.60 18.61
N LEU A 372 -7.09 0.82 17.97
CA LEU A 372 -7.34 0.40 16.58
C LEU A 372 -8.44 -0.66 16.52
N LYS A 373 -8.44 -1.59 17.47
CA LYS A 373 -9.51 -2.59 17.58
C LYS A 373 -10.88 -1.94 17.76
N GLN A 374 -10.94 -0.88 18.57
CA GLN A 374 -12.20 -0.18 18.83
C GLN A 374 -12.71 0.55 17.59
N LEU A 375 -11.82 1.26 16.91
CA LEU A 375 -12.14 1.88 15.62
C LEU A 375 -12.68 0.85 14.62
N ILE A 376 -12.03 -0.31 14.55
CA ILE A 376 -12.41 -1.37 13.60
C ILE A 376 -13.77 -1.99 13.97
N HIS A 377 -14.00 -2.16 15.27
CA HIS A 377 -15.30 -2.59 15.79
C HIS A 377 -16.39 -1.56 15.47
N ASP A 378 -16.05 -0.27 15.58
CA ASP A 378 -16.97 0.82 15.22
C ASP A 378 -17.25 0.87 13.70
N ILE A 379 -16.26 0.53 12.89
CA ILE A 379 -16.46 0.41 11.44
C ILE A 379 -17.40 -0.76 11.12
N HIS A 380 -17.14 -1.91 11.74
CA HIS A 380 -17.94 -3.12 11.50
C HIS A 380 -19.40 -2.94 11.92
N LYS A 381 -19.62 -2.23 13.03
CA LYS A 381 -20.96 -1.91 13.51
C LYS A 381 -21.79 -1.16 12.47
N ARG A 382 -21.12 -0.37 11.61
CA ARG A 382 -21.80 0.41 10.58
C ARG A 382 -21.85 -0.27 9.21
N GLY A 383 -21.68 -1.59 9.18
CA GLY A 383 -21.85 -2.36 7.94
C GLY A 383 -20.71 -2.21 6.95
N MET A 384 -19.57 -1.71 7.42
CA MET A 384 -18.40 -1.50 6.58
C MET A 384 -17.24 -2.43 6.98
N GLY A 385 -16.20 -2.43 6.15
CA GLY A 385 -14.99 -3.19 6.41
C GLY A 385 -13.79 -2.28 6.43
N VAL A 386 -12.66 -2.81 6.93
CA VAL A 386 -11.41 -2.06 7.00
C VAL A 386 -10.35 -2.77 6.15
N ILE A 387 -9.55 -1.98 5.44
CA ILE A 387 -8.42 -2.47 4.65
C ILE A 387 -7.16 -1.73 5.11
N LEU A 388 -6.08 -2.47 5.38
CA LEU A 388 -4.82 -1.84 5.80
C LEU A 388 -3.82 -1.74 4.66
N ASP A 389 -3.29 -0.54 4.46
CA ASP A 389 -2.16 -0.28 3.58
C ASP A 389 -0.90 -0.84 4.25
N VAL A 390 -0.15 -1.67 3.53
CA VAL A 390 1.03 -2.35 4.07
C VAL A 390 2.22 -2.22 3.12
N VAL A 391 3.41 -2.12 3.69
CA VAL A 391 4.59 -1.61 2.97
C VAL A 391 5.81 -2.52 3.11
N TYR A 392 5.70 -3.74 2.59
CA TYR A 392 6.77 -4.74 2.72
C TYR A 392 7.89 -4.58 1.68
N ASN A 393 7.70 -3.68 0.71
CA ASN A 393 8.68 -3.52 -0.36
C ASN A 393 10.00 -2.94 0.15
N HIS A 394 9.94 -2.06 1.15
CA HIS A 394 11.15 -1.50 1.73
C HIS A 394 10.96 -1.13 3.20
N THR A 395 12.09 -1.03 3.90
CA THR A 395 12.15 -0.55 5.27
C THR A 395 12.75 0.85 5.26
N ALA A 396 12.60 1.57 6.37
CA ALA A 396 13.11 2.95 6.48
C ALA A 396 14.63 2.99 6.47
N LYS A 397 15.26 2.00 7.11
CA LYS A 397 16.70 1.96 7.27
C LYS A 397 17.18 0.52 7.06
N THR A 398 18.19 0.35 6.20
CA THR A 398 18.74 -0.97 5.90
C THR A 398 19.19 -1.70 7.17
N TYR A 399 19.71 -0.97 8.15
CA TYR A 399 20.19 -1.58 9.39
C TYR A 399 19.12 -2.28 10.24
N LEU A 400 17.85 -1.87 10.09
CA LEU A 400 16.74 -2.45 10.87
C LEU A 400 16.77 -3.97 10.89
N PHE A 401 17.01 -4.57 9.73
CA PHE A 401 17.12 -6.02 9.57
C PHE A 401 18.58 -6.46 9.35
N GLU A 402 19.39 -5.63 8.72
CA GLU A 402 20.78 -6.00 8.40
C GLU A 402 21.62 -6.18 9.67
N ASP A 403 21.32 -5.39 10.70
CA ASP A 403 21.97 -5.56 12.00
C ASP A 403 21.66 -6.91 12.64
N ILE A 404 20.47 -7.45 12.38
CA ILE A 404 20.02 -8.68 13.04
C ILE A 404 20.76 -9.89 12.48
N GLU A 405 20.74 -10.00 11.15
CA GLU A 405 21.44 -11.08 10.45
C GLU A 405 21.91 -10.51 9.12
N PRO A 406 23.24 -10.43 8.93
CA PRO A 406 23.74 -9.85 7.68
C PRO A 406 23.60 -10.80 6.51
N ASN A 407 23.54 -10.22 5.30
CA ASN A 407 23.49 -11.02 4.08
C ASN A 407 22.38 -12.07 4.12
N TYR A 408 21.14 -11.65 4.35
CA TYR A 408 20.01 -12.58 4.28
C TYR A 408 18.64 -11.95 4.00
N TYR A 409 18.20 -11.06 4.88
CA TYR A 409 16.81 -10.57 4.87
C TYR A 409 16.43 -9.80 3.61
N HIS A 410 17.40 -9.04 3.08
CA HIS A 410 17.13 -8.20 1.92
C HIS A 410 17.45 -8.94 0.62
N PHE A 411 16.84 -8.49 -0.48
CA PHE A 411 17.30 -8.87 -1.81
C PHE A 411 18.74 -8.39 -1.92
N MET A 412 19.58 -9.18 -2.58
CA MET A 412 21.02 -8.97 -2.55
C MET A 412 21.66 -8.90 -3.94
N ASN A 413 22.77 -8.16 -4.00
CA ASN A 413 23.68 -8.23 -5.13
C ASN A 413 24.52 -9.49 -4.97
N GLU A 414 25.16 -9.94 -6.05
CA GLU A 414 25.98 -11.16 -6.04
C GLU A 414 27.15 -11.10 -5.06
N ASP A 415 27.60 -9.90 -4.70
CA ASP A 415 28.65 -9.74 -3.69
C ASP A 415 28.14 -9.85 -2.24
N GLY A 416 26.82 -9.98 -2.07
CA GLY A 416 26.22 -10.12 -0.76
C GLY A 416 25.63 -8.84 -0.18
N SER A 417 26.02 -7.69 -0.74
CA SER A 417 25.52 -6.39 -0.26
C SER A 417 24.01 -6.27 -0.50
N PRO A 418 23.31 -5.60 0.44
CA PRO A 418 21.86 -5.47 0.31
C PRO A 418 21.43 -4.48 -0.76
N ARG A 419 20.44 -4.85 -1.56
CA ARG A 419 19.80 -3.89 -2.45
C ARG A 419 18.86 -2.99 -1.65
N GLU A 420 18.82 -1.72 -2.04
CA GLU A 420 18.20 -0.68 -1.25
C GLU A 420 17.20 0.14 -2.05
N SER A 421 16.23 0.72 -1.33
CA SER A 421 15.14 1.47 -1.96
C SER A 421 14.58 2.49 -0.97
N PHE A 422 14.40 3.73 -1.43
CA PHE A 422 13.85 4.83 -0.62
C PHE A 422 14.60 5.04 0.71
N GLY A 423 15.92 4.94 0.65
CA GLY A 423 16.77 5.17 1.82
C GLY A 423 16.91 3.99 2.78
N GLY A 424 16.27 2.87 2.45
CA GLY A 424 16.32 1.67 3.30
C GLY A 424 16.48 0.39 2.51
N GLY A 425 16.19 -0.75 3.16
CA GLY A 425 16.44 -2.07 2.57
C GLY A 425 15.26 -2.69 1.85
N ARG A 426 15.54 -3.38 0.74
CA ARG A 426 14.54 -4.14 -0.02
C ARG A 426 14.32 -5.53 0.59
N LEU A 427 13.22 -5.71 1.30
CA LEU A 427 12.90 -7.00 1.91
C LEU A 427 12.76 -8.11 0.84
N GLY A 428 13.62 -9.12 0.93
CA GLY A 428 13.70 -10.18 -0.06
C GLY A 428 12.75 -11.32 0.24
N THR A 429 11.49 -11.16 -0.17
CA THR A 429 10.42 -12.06 0.29
C THR A 429 10.40 -13.44 -0.36
N THR A 430 11.40 -13.73 -1.19
CA THR A 430 11.66 -15.11 -1.65
C THR A 430 12.47 -15.88 -0.60
N HIS A 431 13.12 -15.16 0.31
CA HIS A 431 13.92 -15.76 1.38
C HIS A 431 12.98 -16.16 2.52
N ALA A 432 13.18 -17.37 3.05
CA ALA A 432 12.19 -18.01 3.93
C ALA A 432 11.75 -17.19 5.15
N MET A 433 12.70 -16.64 5.90
CA MET A 433 12.36 -15.90 7.12
CA MET A 433 12.34 -15.90 7.12
C MET A 433 11.87 -14.49 6.80
N SER A 434 12.26 -13.96 5.63
CA SER A 434 11.72 -12.70 5.13
C SER A 434 10.28 -12.89 4.64
N ARG A 435 10.02 -14.02 3.98
CA ARG A 435 8.67 -14.40 3.61
C ARG A 435 7.80 -14.58 4.86
N ARG A 436 8.37 -15.20 5.90
CA ARG A 436 7.66 -15.35 7.18
C ARG A 436 7.21 -14.00 7.77
N VAL A 437 8.09 -13.00 7.73
CA VAL A 437 7.77 -11.68 8.25
C VAL A 437 6.52 -11.10 7.59
N LEU A 438 6.46 -11.18 6.26
CA LEU A 438 5.32 -10.70 5.50
C LEU A 438 4.05 -11.50 5.81
N VAL A 439 4.14 -12.82 5.69
CA VAL A 439 3.00 -13.71 5.87
C VAL A 439 2.50 -13.75 7.33
N ASP A 440 3.43 -13.82 8.28
CA ASP A 440 3.06 -13.84 9.70
C ASP A 440 2.38 -12.53 10.15
N SER A 441 2.86 -11.39 9.64
CA SER A 441 2.24 -10.11 9.96
C SER A 441 0.84 -9.99 9.35
N ILE A 442 0.68 -10.47 8.12
CA ILE A 442 -0.64 -10.50 7.48
C ILE A 442 -1.61 -11.39 8.28
N LYS A 443 -1.12 -12.53 8.75
CA LYS A 443 -1.94 -13.43 9.58
C LYS A 443 -2.28 -12.82 10.94
N TYR A 444 -1.30 -12.16 11.54
CA TYR A 444 -1.51 -11.51 12.84
C TYR A 444 -2.51 -10.36 12.72
N LEU A 445 -2.29 -9.46 11.77
CA LEU A 445 -3.21 -8.35 11.54
C LEU A 445 -4.63 -8.84 11.22
N THR A 446 -4.74 -9.88 10.40
CA THR A 446 -6.06 -10.43 10.05
C THR A 446 -6.78 -10.99 11.26
N SER A 447 -6.14 -11.91 11.97
CA SER A 447 -6.80 -12.65 13.05
C SER A 447 -6.94 -11.83 14.33
N GLU A 448 -5.95 -10.98 14.63
CA GLU A 448 -5.96 -10.19 15.86
C GLU A 448 -6.87 -8.95 15.75
N PHE A 449 -6.71 -8.18 14.67
CA PHE A 449 -7.49 -6.95 14.48
C PHE A 449 -8.76 -7.14 13.62
N LYS A 450 -8.98 -8.36 13.14
CA LYS A 450 -10.13 -8.72 12.29
C LYS A 450 -10.21 -7.85 11.03
N VAL A 451 -9.06 -7.72 10.36
CA VAL A 451 -8.95 -6.89 9.16
C VAL A 451 -9.61 -7.61 7.97
N ASP A 452 -10.29 -6.83 7.13
CA ASP A 452 -11.10 -7.39 6.04
C ASP A 452 -10.39 -7.38 4.70
N GLY A 453 -9.24 -6.73 4.62
CA GLY A 453 -8.45 -6.69 3.40
C GLY A 453 -7.14 -5.96 3.57
N PHE A 454 -6.30 -6.04 2.54
CA PHE A 454 -4.98 -5.40 2.56
C PHE A 454 -4.66 -4.75 1.21
N ARG A 455 -3.98 -3.62 1.25
CA ARG A 455 -3.44 -2.97 0.05
C ARG A 455 -1.92 -2.98 0.09
N PHE A 456 -1.29 -3.56 -0.92
CA PHE A 456 0.17 -3.67 -0.98
C PHE A 456 0.81 -2.50 -1.74
N ASP A 457 1.71 -1.80 -1.07
CA ASP A 457 2.50 -0.74 -1.68
C ASP A 457 3.57 -1.38 -2.56
N MET A 458 3.72 -0.88 -3.77
CA MET A 458 4.69 -1.38 -4.74
CA MET A 458 4.71 -1.38 -4.72
C MET A 458 4.74 -2.92 -4.72
N MET A 459 3.57 -3.53 -4.91
CA MET A 459 3.43 -4.98 -4.89
CA MET A 459 3.44 -4.98 -4.89
C MET A 459 4.33 -5.64 -5.95
N GLY A 460 4.62 -4.91 -7.02
CA GLY A 460 5.48 -5.40 -8.10
C GLY A 460 6.94 -5.63 -7.73
N ASP A 461 7.36 -5.12 -6.59
CA ASP A 461 8.68 -5.43 -6.03
C ASP A 461 8.77 -6.87 -5.52
N HIS A 462 7.62 -7.45 -5.19
CA HIS A 462 7.56 -8.77 -4.58
C HIS A 462 7.38 -9.89 -5.58
N ASP A 463 7.90 -11.06 -5.22
CA ASP A 463 7.61 -12.30 -5.92
C ASP A 463 6.13 -12.64 -5.73
N ALA A 464 5.52 -13.19 -6.78
CA ALA A 464 4.12 -13.58 -6.76
C ALA A 464 3.84 -14.68 -5.72
N ALA A 465 4.82 -15.56 -5.49
CA ALA A 465 4.68 -16.67 -4.54
C ALA A 465 4.42 -16.22 -3.10
N ALA A 466 5.10 -15.17 -2.66
CA ALA A 466 4.93 -14.64 -1.30
C ALA A 466 3.54 -14.01 -1.12
N ILE A 467 3.08 -13.27 -2.12
CA ILE A 467 1.78 -12.61 -2.05
C ILE A 467 0.64 -13.63 -2.19
N GLU A 468 0.85 -14.64 -3.05
CA GLU A 468 -0.07 -15.78 -3.14
C GLU A 468 -0.27 -16.43 -1.78
N LEU A 469 0.85 -16.73 -1.12
CA LEU A 469 0.82 -17.38 0.19
C LEU A 469 0.14 -16.49 1.24
N ALA A 470 0.46 -15.21 1.23
CA ALA A 470 -0.18 -14.24 2.14
C ALA A 470 -1.69 -14.23 1.95
N TYR A 471 -2.14 -14.31 0.69
CA TYR A 471 -3.57 -14.36 0.37
C TYR A 471 -4.20 -15.65 0.86
N LYS A 472 -3.54 -16.77 0.58
CA LYS A 472 -4.02 -18.09 0.98
C LYS A 472 -4.27 -18.14 2.49
N GLU A 473 -3.27 -17.70 3.26
CA GLU A 473 -3.33 -17.72 4.71
C GLU A 473 -4.39 -16.77 5.27
N ALA A 474 -4.46 -15.56 4.71
CA ALA A 474 -5.45 -14.56 5.11
C ALA A 474 -6.87 -15.05 4.79
N LYS A 475 -7.05 -15.60 3.59
CA LYS A 475 -8.35 -16.10 3.16
C LYS A 475 -8.79 -17.30 4.01
N ALA A 476 -7.84 -18.12 4.46
CA ALA A 476 -8.15 -19.25 5.33
C ALA A 476 -8.70 -18.79 6.69
N ILE A 477 -8.18 -17.69 7.21
CA ILE A 477 -8.69 -17.10 8.46
C ILE A 477 -10.04 -16.41 8.21
N ASN A 478 -10.07 -15.57 7.18
CA ASN A 478 -11.24 -14.75 6.82
C ASN A 478 -11.68 -15.05 5.38
N PRO A 479 -12.70 -15.91 5.19
CA PRO A 479 -13.22 -16.28 3.87
C PRO A 479 -13.60 -15.11 2.96
N ASN A 480 -13.96 -13.96 3.53
CA ASN A 480 -14.34 -12.78 2.77
C ASN A 480 -13.16 -11.83 2.46
N MET A 481 -11.94 -12.27 2.78
CA MET A 481 -10.73 -11.47 2.56
C MET A 481 -10.62 -10.96 1.12
N ILE A 482 -10.27 -9.68 0.97
CA ILE A 482 -9.89 -9.16 -0.35
C ILE A 482 -8.53 -8.48 -0.27
N MET A 483 -7.77 -8.56 -1.36
CA MET A 483 -6.47 -7.90 -1.41
C MET A 483 -6.31 -7.15 -2.72
N ILE A 484 -5.64 -6.01 -2.64
CA ILE A 484 -5.29 -5.22 -3.82
C ILE A 484 -3.86 -4.68 -3.66
N GLY A 485 -3.29 -4.14 -4.73
CA GLY A 485 -1.97 -3.52 -4.64
C GLY A 485 -1.53 -2.82 -5.89
N GLU A 486 -0.50 -1.98 -5.75
CA GLU A 486 0.16 -1.36 -6.89
C GLU A 486 0.97 -2.41 -7.64
N GLY A 487 0.47 -2.83 -8.79
CA GLY A 487 1.15 -3.81 -9.61
C GLY A 487 2.06 -3.21 -10.68
N TRP A 488 2.78 -2.14 -10.33
CA TRP A 488 3.69 -1.52 -11.29
C TRP A 488 4.85 -2.47 -11.56
N ARG A 489 5.37 -2.46 -12.79
CA ARG A 489 6.49 -3.32 -13.17
C ARG A 489 7.80 -2.77 -12.64
N THR A 490 8.09 -3.07 -11.38
CA THR A 490 9.24 -2.50 -10.67
C THR A 490 10.23 -3.55 -10.12
N PHE A 491 9.99 -4.84 -10.38
CA PHE A 491 10.74 -5.92 -9.71
C PHE A 491 12.26 -5.80 -9.87
N GLN A 492 12.98 -5.98 -8.77
CA GLN A 492 14.44 -6.07 -8.80
C GLN A 492 14.91 -7.46 -8.38
N GLY A 493 14.51 -7.87 -7.18
CA GLY A 493 14.85 -9.20 -6.66
C GLY A 493 16.32 -9.37 -6.37
N ASP A 494 16.77 -10.63 -6.32
CA ASP A 494 18.18 -10.96 -6.13
C ASP A 494 18.89 -10.88 -7.49
N GLN A 495 20.09 -10.29 -7.53
CA GLN A 495 20.81 -10.13 -8.78
C GLN A 495 21.03 -11.48 -9.48
N GLY A 496 20.60 -11.57 -10.73
CA GLY A 496 20.79 -12.79 -11.53
C GLY A 496 19.90 -13.95 -11.15
N LYS A 497 18.86 -13.70 -10.35
CA LYS A 497 17.93 -14.74 -9.92
C LYS A 497 16.49 -14.33 -10.25
N PRO A 498 16.09 -14.47 -11.53
CA PRO A 498 14.77 -14.01 -11.95
C PRO A 498 13.64 -14.79 -11.29
N VAL A 499 12.55 -14.09 -10.98
CA VAL A 499 11.37 -14.70 -10.36
C VAL A 499 10.13 -14.01 -10.91
N LYS A 500 9.01 -14.73 -10.93
CA LYS A 500 7.72 -14.16 -11.36
C LYS A 500 7.24 -13.13 -10.33
N PRO A 501 7.15 -11.86 -10.73
CA PRO A 501 6.71 -10.81 -9.80
C PRO A 501 5.19 -10.69 -9.68
N ALA A 502 4.77 -10.08 -8.56
CA ALA A 502 3.36 -9.85 -8.26
C ALA A 502 2.91 -8.48 -8.80
N ASP A 503 2.88 -8.37 -10.11
CA ASP A 503 2.57 -7.09 -10.78
C ASP A 503 1.38 -7.28 -11.73
N GLN A 504 1.20 -6.35 -12.67
CA GLN A 504 0.04 -6.37 -13.58
C GLN A 504 0.00 -7.57 -14.53
N ASP A 505 1.16 -8.10 -14.89
CA ASP A 505 1.24 -9.29 -15.75
C ASP A 505 0.92 -10.59 -15.03
N TRP A 506 0.89 -10.54 -13.70
CA TRP A 506 0.47 -11.66 -12.86
C TRP A 506 -1.05 -11.91 -12.92
N MET A 507 -1.80 -10.88 -13.34
CA MET A 507 -3.26 -10.96 -13.33
C MET A 507 -3.84 -12.03 -14.26
N LYS A 508 -3.13 -12.34 -15.35
CA LYS A 508 -3.57 -13.41 -16.27
C LYS A 508 -3.38 -14.83 -15.73
N SER A 509 -2.69 -15.00 -14.60
CA SER A 509 -2.38 -16.32 -14.04
CA SER A 509 -2.42 -16.33 -14.04
C SER A 509 -2.86 -16.47 -12.58
N THR A 510 -3.71 -15.55 -12.12
CA THR A 510 -4.26 -15.61 -10.77
C THR A 510 -5.57 -14.84 -10.70
N ASP A 511 -6.48 -15.30 -9.84
CA ASP A 511 -7.69 -14.55 -9.49
C ASP A 511 -7.74 -14.37 -7.97
N THR A 512 -6.68 -13.75 -7.42
CA THR A 512 -6.57 -13.53 -5.98
C THR A 512 -6.51 -12.04 -5.66
N VAL A 513 -5.39 -11.39 -5.99
CA VAL A 513 -5.18 -9.98 -5.69
C VAL A 513 -5.42 -9.13 -6.94
N GLY A 514 -6.16 -8.03 -6.76
CA GLY A 514 -6.43 -7.07 -7.85
C GLY A 514 -5.42 -5.93 -7.89
N VAL A 515 -5.18 -5.36 -9.06
CA VAL A 515 -4.21 -4.27 -9.20
C VAL A 515 -4.85 -2.99 -9.73
N PHE A 516 -4.27 -1.86 -9.34
CA PHE A 516 -4.73 -0.55 -9.81
C PHE A 516 -4.59 -0.42 -11.33
N SER A 517 -5.62 0.12 -11.95
CA SER A 517 -5.62 0.34 -13.40
C SER A 517 -5.16 1.76 -13.74
N ASP A 518 -3.87 1.91 -14.00
CA ASP A 518 -3.33 3.20 -14.45
C ASP A 518 -3.85 3.61 -15.84
N ASP A 519 -4.28 2.63 -16.63
CA ASP A 519 -4.82 2.88 -17.98
C ASP A 519 -6.12 3.69 -17.95
N ILE A 520 -7.07 3.30 -17.10
CA ILE A 520 -8.32 4.06 -16.97
C ILE A 520 -8.06 5.43 -16.32
N ARG A 521 -7.13 5.48 -15.36
CA ARG A 521 -6.71 6.74 -14.77
C ARG A 521 -6.22 7.71 -15.85
N ASN A 522 -5.18 7.29 -16.59
CA ASN A 522 -4.58 8.11 -17.64
C ASN A 522 -5.57 8.54 -18.71
N SER A 523 -6.35 7.58 -19.22
CA SER A 523 -7.30 7.85 -20.29
C SER A 523 -8.36 8.88 -19.90
N LEU A 524 -8.83 8.80 -18.66
CA LEU A 524 -9.90 9.72 -18.20
C LEU A 524 -9.40 11.09 -17.75
N LYS A 525 -8.28 11.16 -17.05
CA LYS A 525 -7.81 12.44 -16.47
C LYS A 525 -6.29 12.61 -16.33
N SER A 526 -5.52 11.85 -17.10
CA SER A 526 -4.05 11.89 -17.08
C SER A 526 -3.38 11.31 -15.84
N GLY A 527 -2.09 11.03 -15.99
CA GLY A 527 -1.23 10.52 -14.94
C GLY A 527 0.18 10.31 -15.46
N PHE A 528 1.01 9.60 -14.72
CA PHE A 528 2.38 9.33 -15.13
C PHE A 528 2.41 8.60 -16.49
N PRO A 529 3.32 9.00 -17.40
CA PRO A 529 4.35 10.04 -17.29
C PRO A 529 3.92 11.46 -17.71
N ASN A 530 2.63 11.68 -17.96
CA ASN A 530 2.14 12.96 -18.49
C ASN A 530 0.96 13.57 -17.72
N GLU A 531 1.12 13.76 -16.41
CA GLU A 531 0.06 14.38 -15.59
C GLU A 531 -0.19 15.83 -16.03
N GLY A 532 -1.47 16.17 -16.20
CA GLY A 532 -1.87 17.51 -16.65
C GLY A 532 -2.20 17.60 -18.14
N THR A 533 -1.96 16.51 -18.89
CA THR A 533 -2.33 16.46 -20.29
C THR A 533 -3.83 16.24 -20.44
N PRO A 534 -4.50 17.02 -21.31
CA PRO A 534 -5.95 16.82 -21.54
C PRO A 534 -6.31 15.37 -21.91
N ALA A 535 -7.35 14.85 -21.25
CA ALA A 535 -7.84 13.49 -21.46
C ALA A 535 -9.36 13.52 -21.57
N PHE A 536 -10.03 12.39 -21.34
CA PHE A 536 -11.47 12.29 -21.64
C PHE A 536 -12.34 13.35 -20.97
N ILE A 537 -12.18 13.55 -19.66
CA ILE A 537 -13.00 14.53 -18.93
C ILE A 537 -12.36 15.93 -18.85
N THR A 538 -11.23 16.13 -19.51
CA THR A 538 -10.51 17.41 -19.48
C THR A 538 -10.18 17.94 -20.89
N GLY A 539 -11.04 17.61 -21.85
CA GLY A 539 -10.97 18.19 -23.20
C GLY A 539 -10.03 17.55 -24.21
N GLY A 540 -9.50 16.37 -23.89
CA GLY A 540 -8.63 15.65 -24.83
C GLY A 540 -9.30 14.40 -25.39
N PRO A 541 -9.65 14.40 -26.69
CA PRO A 541 -10.32 13.24 -27.28
C PRO A 541 -9.56 11.92 -27.14
N GLN A 542 -10.26 10.87 -26.74
CA GLN A 542 -9.66 9.54 -26.56
C GLN A 542 -10.36 8.53 -27.45
N SER A 543 -9.65 7.48 -27.86
CA SER A 543 -10.25 6.38 -28.59
C SER A 543 -11.35 5.75 -27.73
N LEU A 544 -12.57 5.71 -28.26
CA LEU A 544 -13.73 5.24 -27.49
C LEU A 544 -13.72 3.74 -27.24
N GLN A 545 -13.07 2.97 -28.11
CA GLN A 545 -12.95 1.53 -27.92
C GLN A 545 -12.11 1.22 -26.68
N GLY A 546 -11.00 1.94 -26.53
CA GLY A 546 -10.13 1.82 -25.37
C GLY A 546 -10.82 2.23 -24.08
N ILE A 547 -11.56 3.32 -24.12
CA ILE A 547 -12.38 3.78 -23.00
C ILE A 547 -13.43 2.72 -22.67
N PHE A 548 -14.11 2.22 -23.70
CA PHE A 548 -15.17 1.21 -23.52
C PHE A 548 -14.61 -0.07 -22.91
N LYS A 549 -13.47 -0.53 -23.41
CA LYS A 549 -12.80 -1.71 -22.85
C LYS A 549 -12.37 -1.50 -21.40
N ASN A 550 -11.90 -0.30 -21.06
CA ASN A 550 -11.61 0.04 -19.66
C ASN A 550 -12.87 -0.05 -18.79
N ILE A 551 -13.97 0.52 -19.27
CA ILE A 551 -15.28 0.42 -18.60
C ILE A 551 -15.69 -1.05 -18.34
N LYS A 552 -15.29 -1.95 -19.25
CA LYS A 552 -15.51 -3.41 -19.07
C LYS A 552 -14.46 -4.12 -18.19
N ALA A 553 -13.53 -3.35 -17.62
CA ALA A 553 -12.43 -3.89 -16.82
C ALA A 553 -11.46 -4.68 -17.69
N GLN A 554 -11.18 -4.14 -18.88
CA GLN A 554 -10.23 -4.74 -19.81
C GLN A 554 -9.22 -3.68 -20.24
N PRO A 555 -8.32 -3.28 -19.32
CA PRO A 555 -7.31 -2.27 -19.64
C PRO A 555 -6.38 -2.68 -20.78
N GLY A 556 -5.87 -1.69 -21.51
CA GLY A 556 -5.03 -1.93 -22.66
C GLY A 556 -3.56 -2.21 -22.37
N ASN A 557 -3.13 -1.99 -21.12
CA ASN A 557 -1.72 -2.16 -20.75
C ASN A 557 -1.39 -3.45 -19.98
N PHE A 558 -2.42 -4.22 -19.62
CA PHE A 558 -2.21 -5.58 -19.11
C PHE A 558 -3.45 -6.43 -19.34
N GLU A 559 -3.25 -7.75 -19.40
CA GLU A 559 -4.35 -8.69 -19.61
C GLU A 559 -5.07 -9.02 -18.31
N ALA A 560 -6.32 -8.58 -18.19
CA ALA A 560 -7.19 -8.98 -17.09
C ALA A 560 -8.20 -10.01 -17.59
N ASP A 561 -8.03 -11.27 -17.21
CA ASP A 561 -8.95 -12.33 -17.65
C ASP A 561 -10.21 -12.42 -16.76
N SER A 562 -10.29 -11.58 -15.74
CA SER A 562 -11.45 -11.48 -14.86
C SER A 562 -11.60 -10.03 -14.37
N PRO A 563 -12.84 -9.53 -14.24
CA PRO A 563 -13.03 -8.12 -13.83
C PRO A 563 -12.48 -7.80 -12.44
N GLY A 564 -12.46 -8.80 -11.55
CA GLY A 564 -11.88 -8.65 -10.21
C GLY A 564 -10.38 -8.40 -10.16
N ASP A 565 -9.69 -8.63 -11.28
CA ASP A 565 -8.26 -8.32 -11.40
C ASP A 565 -7.98 -6.81 -11.40
N VAL A 566 -9.01 -6.01 -11.65
CA VAL A 566 -8.85 -4.59 -11.92
C VAL A 566 -9.43 -3.71 -10.81
N VAL A 567 -8.60 -2.82 -10.27
CA VAL A 567 -9.05 -1.79 -9.37
C VAL A 567 -9.17 -0.48 -10.17
N GLN A 568 -10.42 -0.03 -10.36
CA GLN A 568 -10.70 1.18 -11.16
C GLN A 568 -10.56 2.43 -10.32
N TYR A 569 -9.72 3.36 -10.76
CA TYR A 569 -9.52 4.62 -10.05
C TYR A 569 -9.06 5.75 -10.96
N ILE A 570 -9.30 6.97 -10.50
CA ILE A 570 -8.77 8.17 -11.15
C ILE A 570 -8.00 9.09 -10.19
N ALA A 571 -8.03 8.79 -8.90
CA ALA A 571 -7.23 9.54 -7.92
C ALA A 571 -6.90 8.70 -6.68
N ALA A 572 -5.90 9.16 -5.95
CA ALA A 572 -5.46 8.51 -4.71
C ALA A 572 -4.63 9.52 -3.92
N HIS A 573 -4.06 9.08 -2.80
CA HIS A 573 -3.23 9.96 -1.98
C HIS A 573 -2.02 10.51 -2.75
N ASP A 574 -1.50 9.71 -3.69
CA ASP A 574 -0.37 10.10 -4.54
CA ASP A 574 -0.36 10.13 -4.50
C ASP A 574 -0.81 11.02 -5.66
N ASN A 575 0.10 11.88 -6.12
CA ASN A 575 -0.16 12.76 -7.28
C ASN A 575 -1.23 13.84 -6.98
N LEU A 576 -1.57 14.66 -7.98
CA LEU A 576 -2.58 15.71 -7.79
C LEU A 576 -3.95 15.12 -7.49
N THR A 577 -4.74 15.81 -6.67
CA THR A 577 -6.14 15.42 -6.43
C THR A 577 -6.92 15.54 -7.74
N LEU A 578 -8.06 14.87 -7.81
CA LEU A 578 -8.92 14.90 -8.99
C LEU A 578 -9.32 16.34 -9.36
N HIS A 579 -9.67 17.14 -8.37
CA HIS A 579 -10.02 18.55 -8.59
C HIS A 579 -8.84 19.34 -9.19
N ASP A 580 -7.67 19.20 -8.55
CA ASP A 580 -6.50 19.97 -8.93
C ASP A 580 -5.94 19.60 -10.30
N VAL A 581 -5.99 18.31 -10.64
CA VAL A 581 -5.50 17.83 -11.94
C VAL A 581 -6.45 18.25 -13.07
N ILE A 582 -7.75 18.29 -12.78
CA ILE A 582 -8.73 18.82 -13.73
C ILE A 582 -8.46 20.30 -14.03
N ALA A 583 -8.26 21.09 -12.98
CA ALA A 583 -7.99 22.53 -13.13
C ALA A 583 -6.67 22.78 -13.88
N LYS A 584 -5.68 21.95 -13.60
CA LYS A 584 -4.40 22.01 -14.31
C LYS A 584 -4.55 21.60 -15.78
N SER A 585 -5.30 20.53 -16.02
CA SER A 585 -5.44 19.97 -17.36
C SER A 585 -6.16 20.91 -18.33
N ILE A 586 -7.20 21.58 -17.85
CA ILE A 586 -7.91 22.59 -18.65
C ILE A 586 -7.30 23.99 -18.52
N ASN A 587 -6.33 24.14 -17.62
CA ASN A 587 -5.68 25.43 -17.34
C ASN A 587 -6.68 26.54 -16.99
N LYS A 588 -7.41 26.35 -15.89
CA LYS A 588 -8.37 27.36 -15.42
C LYS A 588 -8.23 27.61 -13.91
N ASP A 589 -8.49 28.85 -13.51
CA ASP A 589 -8.42 29.25 -12.11
C ASP A 589 -9.73 28.85 -11.41
N PRO A 590 -9.63 28.02 -10.35
CA PRO A 590 -10.81 27.68 -9.53
C PRO A 590 -11.57 28.88 -8.94
N LYS A 591 -10.92 30.04 -8.84
CA LYS A 591 -11.60 31.26 -8.39
C LYS A 591 -12.75 31.69 -9.31
N VAL A 592 -12.62 31.41 -10.60
CA VAL A 592 -13.65 31.73 -11.59
C VAL A 592 -14.28 30.51 -12.27
N ALA A 593 -13.63 29.34 -12.18
CA ALA A 593 -14.06 28.16 -12.91
C ALA A 593 -14.40 26.95 -12.00
N GLU A 594 -14.72 27.22 -10.73
CA GLU A 594 -15.07 26.18 -9.77
C GLU A 594 -16.20 25.27 -10.27
N GLU A 595 -17.23 25.87 -10.86
CA GLU A 595 -18.41 25.15 -11.33
C GLU A 595 -18.09 24.19 -12.49
N ASP A 596 -17.31 24.66 -13.45
CA ASP A 596 -16.92 23.83 -14.59
C ASP A 596 -16.06 22.65 -14.14
N ILE A 597 -15.09 22.94 -13.28
CA ILE A 597 -14.19 21.92 -12.75
C ILE A 597 -14.98 20.79 -12.09
N HIS A 598 -15.98 21.14 -11.28
CA HIS A 598 -16.82 20.14 -10.59
C HIS A 598 -17.75 19.38 -11.56
N ARG A 599 -18.22 20.06 -12.59
CA ARG A 599 -19.01 19.39 -13.63
C ARG A 599 -18.19 18.26 -14.27
N ARG A 600 -16.93 18.56 -14.57
CA ARG A 600 -15.99 17.57 -15.10
C ARG A 600 -15.62 16.49 -14.07
N LEU A 601 -15.46 16.90 -12.82
CA LEU A 601 -15.15 15.96 -11.73
C LEU A 601 -16.26 14.92 -11.57
N ARG A 602 -17.51 15.38 -11.65
CA ARG A 602 -18.67 14.50 -11.51
C ARG A 602 -18.77 13.48 -12.64
N LEU A 603 -18.34 13.88 -13.85
CA LEU A 603 -18.26 12.95 -14.97
C LEU A 603 -17.29 11.81 -14.67
N GLY A 604 -16.13 12.15 -14.12
CA GLY A 604 -15.13 11.16 -13.71
C GLY A 604 -15.66 10.16 -12.70
N ASN A 605 -16.40 10.64 -11.70
CA ASN A 605 -16.98 9.78 -10.67
C ASN A 605 -18.07 8.88 -11.22
N VAL A 606 -18.86 9.40 -12.16
CA VAL A 606 -19.86 8.58 -12.86
C VAL A 606 -19.21 7.38 -13.54
N MET A 607 -18.14 7.64 -14.28
CA MET A 607 -17.48 6.60 -15.07
C MET A 607 -16.85 5.51 -14.20
N ILE A 608 -16.18 5.90 -13.12
CA ILE A 608 -15.60 4.92 -12.19
C ILE A 608 -16.67 4.06 -11.52
N LEU A 609 -17.78 4.69 -11.11
CA LEU A 609 -18.80 4.01 -10.33
C LEU A 609 -19.83 3.22 -11.18
N THR A 610 -19.70 3.30 -12.51
CA THR A 610 -20.50 2.47 -13.43
C THR A 610 -19.61 1.53 -14.28
N SER A 611 -18.32 1.47 -13.95
CA SER A 611 -17.37 0.57 -14.60
C SER A 611 -17.31 -0.76 -13.88
N GLN A 612 -17.05 -1.83 -14.64
CA GLN A 612 -16.88 -3.15 -14.04
C GLN A 612 -15.61 -3.20 -13.19
N GLY A 613 -15.52 -4.21 -12.33
CA GLY A 613 -14.35 -4.42 -11.48
C GLY A 613 -14.54 -3.85 -10.09
N THR A 614 -13.43 -3.58 -9.39
CA THR A 614 -13.47 -3.01 -8.04
C THR A 614 -13.34 -1.48 -8.11
N ALA A 615 -14.30 -0.79 -7.50
CA ALA A 615 -14.33 0.67 -7.52
C ALA A 615 -13.52 1.24 -6.36
N PHE A 616 -12.67 2.22 -6.66
CA PHE A 616 -11.77 2.85 -5.68
C PHE A 616 -12.00 4.37 -5.68
N ILE A 617 -12.19 4.94 -4.48
CA ILE A 617 -12.39 6.38 -4.32
C ILE A 617 -11.37 6.94 -3.32
N HIS A 618 -10.68 8.00 -3.72
CA HIS A 618 -9.77 8.71 -2.82
C HIS A 618 -10.57 9.58 -1.85
N SER A 619 -10.20 9.57 -0.57
CA SER A 619 -10.89 10.43 0.40
C SER A 619 -10.82 11.88 -0.06
N GLY A 620 -12.00 12.50 -0.20
CA GLY A 620 -12.09 13.86 -0.69
C GLY A 620 -12.46 13.96 -2.17
N GLN A 621 -12.30 12.85 -2.89
CA GLN A 621 -12.70 12.78 -4.29
C GLN A 621 -14.21 13.03 -4.44
N GLU A 622 -14.96 12.68 -3.39
CA GLU A 622 -16.41 12.90 -3.38
C GLU A 622 -16.84 14.37 -3.34
N TYR A 623 -16.01 15.26 -2.80
CA TYR A 623 -16.37 16.69 -2.71
C TYR A 623 -15.48 17.62 -3.53
N GLY A 624 -14.34 17.14 -4.04
CA GLY A 624 -13.43 17.99 -4.81
C GLY A 624 -12.28 18.55 -3.99
N ARG A 625 -11.68 17.66 -3.21
CA ARG A 625 -10.55 18.00 -2.33
C ARG A 625 -9.39 18.65 -3.10
N THR A 626 -8.77 19.64 -2.47
CA THR A 626 -7.67 20.39 -3.08
C THR A 626 -6.45 20.44 -2.17
N LYS A 627 -5.27 20.55 -2.79
CA LYS A 627 -4.00 20.71 -2.08
C LYS A 627 -3.27 21.96 -2.56
N ARG A 628 -4.00 23.07 -2.68
CA ARG A 628 -3.44 24.34 -3.12
C ARG A 628 -2.55 24.93 -2.04
N LEU A 629 -1.39 25.46 -2.45
CA LEU A 629 -0.43 26.04 -1.53
C LEU A 629 -0.78 27.50 -1.22
N LEU A 630 -1.60 27.70 -0.20
CA LEU A 630 -2.02 29.04 0.25
C LEU A 630 -0.97 29.67 1.17
N ASN A 631 0.26 29.77 0.68
CA ASN A 631 1.36 30.38 1.40
C ASN A 631 1.66 31.75 0.80
N PRO A 632 1.68 32.81 1.64
CA PRO A 632 1.99 34.18 1.18
C PRO A 632 3.24 34.30 0.30
N ASP A 633 4.26 33.47 0.57
CA ASP A 633 5.50 33.49 -0.20
C ASP A 633 5.29 32.98 -1.63
N TYR A 634 4.20 32.25 -1.85
CA TYR A 634 3.84 31.75 -3.17
C TYR A 634 2.47 32.29 -3.62
N MET A 635 2.23 33.56 -3.36
CA MET A 635 1.04 34.28 -3.85
C MET A 635 1.04 34.31 -5.37
N THR A 636 2.22 34.43 -5.97
CA THR A 636 2.37 34.45 -7.42
C THR A 636 3.56 33.59 -7.84
N LYS A 637 3.62 33.26 -9.12
CA LYS A 637 4.67 32.42 -9.69
C LYS A 637 6.06 32.91 -9.28
N VAL A 638 6.89 32.00 -8.77
CA VAL A 638 8.26 32.33 -8.38
C VAL A 638 9.25 31.73 -9.38
N SER A 639 10.53 32.03 -9.17
CA SER A 639 11.60 31.58 -10.07
C SER A 639 11.87 30.09 -9.91
N ASP A 640 12.46 29.50 -10.95
CA ASP A 640 12.83 28.08 -10.97
C ASP A 640 13.72 27.69 -9.78
N ASP A 641 14.56 28.62 -9.35
CA ASP A 641 15.47 28.39 -8.24
C ASP A 641 14.74 28.29 -6.89
N LYS A 642 13.67 29.06 -6.73
CA LYS A 642 12.95 29.15 -5.47
C LYS A 642 11.60 28.41 -5.48
N LEU A 643 11.47 27.42 -6.37
CA LEU A 643 10.24 26.65 -6.50
C LEU A 643 9.88 25.91 -5.21
N PRO A 644 8.58 25.84 -4.88
CA PRO A 644 8.16 25.07 -3.72
C PRO A 644 8.26 23.58 -4.00
N ASN A 645 8.53 22.79 -2.96
CA ASN A 645 8.76 21.36 -3.11
C ASN A 645 7.50 20.63 -3.55
N LYS A 646 7.65 19.75 -4.56
CA LYS A 646 6.58 18.85 -4.98
C LYS A 646 5.29 19.57 -5.39
N ALA A 647 5.46 20.72 -6.04
CA ALA A 647 4.34 21.58 -6.42
C ALA A 647 4.18 21.67 -7.94
N THR A 648 2.94 21.89 -8.38
CA THR A 648 2.62 22.02 -9.80
C THR A 648 1.98 23.37 -10.03
N LEU A 649 2.49 24.11 -11.01
CA LEU A 649 2.00 25.43 -11.36
C LEU A 649 0.84 25.33 -12.34
N ILE A 650 -0.26 26.01 -12.03
CA ILE A 650 -1.35 26.23 -12.98
C ILE A 650 -1.24 27.69 -13.44
N GLU A 651 -0.89 27.86 -14.71
CA GLU A 651 -0.57 29.17 -15.28
C GLU A 651 -1.73 30.18 -15.20
N ALA A 652 -2.96 29.69 -15.32
CA ALA A 652 -4.15 30.56 -15.38
C ALA A 652 -4.53 31.15 -14.01
N VAL A 653 -3.98 30.62 -12.93
CA VAL A 653 -4.30 31.10 -11.59
C VAL A 653 -3.52 32.38 -11.26
N LYS A 654 -4.23 33.38 -10.74
CA LYS A 654 -3.65 34.68 -10.43
C LYS A 654 -3.03 34.71 -9.04
N GLU A 655 -3.82 34.32 -8.04
CA GLU A 655 -3.35 34.27 -6.65
C GLU A 655 -3.24 32.81 -6.16
N TYR A 656 -2.06 32.46 -5.63
CA TYR A 656 -1.72 31.11 -5.16
C TYR A 656 -1.82 30.06 -6.28
N PRO A 657 -0.87 30.09 -7.24
CA PRO A 657 -0.94 29.23 -8.42
C PRO A 657 -0.39 27.81 -8.27
N TYR A 658 0.28 27.52 -7.16
CA TYR A 658 0.93 26.23 -6.93
C TYR A 658 0.04 25.23 -6.18
N PHE A 659 -0.01 24.01 -6.69
CA PHE A 659 -0.79 22.92 -6.11
C PHE A 659 0.15 21.73 -5.86
N ILE A 660 -0.01 21.07 -4.71
CA ILE A 660 0.91 20.00 -4.30
C ILE A 660 0.50 18.65 -4.90
N HIS A 661 1.43 18.01 -5.60
CA HIS A 661 1.21 16.71 -6.23
C HIS A 661 1.85 15.55 -5.44
N ASP A 662 2.57 15.87 -4.37
CA ASP A 662 3.16 14.83 -3.51
C ASP A 662 3.24 15.34 -2.08
N SER A 663 2.16 15.12 -1.34
CA SER A 663 2.00 15.75 -0.02
C SER A 663 2.43 14.87 1.16
N TYR A 664 3.38 13.97 0.92
CA TYR A 664 3.88 13.07 1.95
C TYR A 664 4.50 13.79 3.16
N ASP A 665 5.08 14.97 2.92
CA ASP A 665 5.77 15.76 3.95
C ASP A 665 5.17 17.19 4.04
N SER A 666 3.87 17.30 3.74
CA SER A 666 3.18 18.58 3.74
C SER A 666 2.42 18.77 5.05
N SER A 667 2.05 20.02 5.33
CA SER A 667 1.39 20.37 6.59
C SER A 667 -0.05 19.87 6.66
N ASP A 668 -0.62 19.96 7.84
CA ASP A 668 -2.05 19.70 8.03
C ASP A 668 -2.91 20.68 7.23
N ALA A 669 -2.42 21.92 7.07
CA ALA A 669 -3.10 22.91 6.22
C ALA A 669 -3.33 22.38 4.81
N ILE A 670 -2.32 21.71 4.26
CA ILE A 670 -2.41 21.08 2.94
C ILE A 670 -3.24 19.80 2.99
N ASN A 671 -2.99 18.97 4.00
CA ASN A 671 -3.45 17.57 4.00
C ASN A 671 -4.81 17.28 4.64
N HIS A 672 -5.40 18.26 5.33
CA HIS A 672 -6.64 17.99 6.07
C HIS A 672 -7.85 17.77 5.15
N PHE A 673 -8.75 16.91 5.60
CA PHE A 673 -10.05 16.75 4.97
C PHE A 673 -10.86 18.00 5.33
N ASP A 674 -11.39 18.68 4.31
CA ASP A 674 -12.18 19.90 4.48
C ASP A 674 -13.63 19.54 4.76
N TRP A 675 -14.02 19.57 6.04
CA TRP A 675 -15.37 19.13 6.44
C TRP A 675 -16.47 20.11 6.04
N ALA A 676 -16.16 21.40 6.07
CA ALA A 676 -17.10 22.43 5.60
C ALA A 676 -17.41 22.24 4.12
N ALA A 677 -16.37 22.08 3.31
CA ALA A 677 -16.52 21.84 1.88
C ALA A 677 -17.31 20.56 1.60
N ALA A 678 -17.14 19.56 2.46
CA ALA A 678 -17.81 18.28 2.32
C ALA A 678 -19.28 18.29 2.81
N THR A 679 -19.58 19.06 3.86
CA THR A 679 -20.89 18.95 4.53
C THR A 679 -21.70 20.23 4.72
N ASP A 680 -21.06 21.39 4.61
CA ASP A 680 -21.76 22.67 4.83
C ASP A 680 -22.44 23.12 3.54
N ASN A 681 -23.74 22.82 3.44
CA ASN A 681 -24.53 23.10 2.25
C ASN A 681 -24.62 24.59 1.91
N ASN A 682 -24.79 25.41 2.94
CA ASN A 682 -24.95 26.86 2.75
C ASN A 682 -23.67 27.56 2.30
N LYS A 683 -22.55 27.28 2.96
CA LYS A 683 -21.29 27.97 2.70
C LYS A 683 -20.58 27.45 1.44
N HIS A 684 -20.77 26.16 1.14
CA HIS A 684 -20.10 25.52 -0.01
C HIS A 684 -21.09 24.69 -0.82
N PRO A 685 -21.99 25.35 -1.58
CA PRO A 685 -23.02 24.65 -2.34
C PRO A 685 -22.51 23.79 -3.51
N ILE A 686 -21.39 24.17 -4.13
CA ILE A 686 -20.85 23.41 -5.27
C ILE A 686 -20.23 22.07 -4.85
N SER A 687 -19.38 22.08 -3.82
CA SER A 687 -18.73 20.87 -3.33
C SER A 687 -19.71 19.92 -2.63
N THR A 688 -20.71 20.47 -1.95
CA THR A 688 -21.74 19.65 -1.31
C THR A 688 -22.68 19.02 -2.35
N LYS A 689 -22.95 19.73 -3.44
CA LYS A 689 -23.70 19.15 -4.56
C LYS A 689 -22.92 17.98 -5.18
N THR A 690 -21.62 18.16 -5.33
CA THR A 690 -20.74 17.13 -5.86
C THR A 690 -20.68 15.90 -4.95
N GLN A 691 -20.67 16.11 -3.63
CA GLN A 691 -20.59 14.99 -2.70
C GLN A 691 -21.92 14.21 -2.64
N ALA A 692 -23.04 14.93 -2.73
CA ALA A 692 -24.36 14.30 -2.80
C ALA A 692 -24.52 13.55 -4.12
N TYR A 693 -23.92 14.08 -5.18
CA TYR A 693 -23.88 13.42 -6.48
C TYR A 693 -23.12 12.08 -6.38
N THR A 694 -21.95 12.13 -5.76
CA THR A 694 -21.10 10.94 -5.57
C THR A 694 -21.75 9.90 -4.67
N ALA A 695 -22.38 10.35 -3.58
CA ALA A 695 -23.14 9.47 -2.68
C ALA A 695 -24.25 8.70 -3.42
N GLY A 696 -24.97 9.39 -4.30
CA GLY A 696 -26.02 8.78 -5.13
C GLY A 696 -25.51 7.80 -6.17
N LEU A 697 -24.32 8.06 -6.70
CA LEU A 697 -23.67 7.15 -7.64
C LEU A 697 -23.24 5.86 -6.95
N ILE A 698 -22.86 5.94 -5.68
CA ILE A 698 -22.51 4.75 -4.91
C ILE A 698 -23.76 3.89 -4.65
N THR A 699 -24.87 4.53 -4.32
CA THR A 699 -26.15 3.82 -4.12
C THR A 699 -26.55 3.08 -5.39
N LEU A 700 -26.54 3.79 -6.53
CA LEU A 700 -26.82 3.17 -7.82
C LEU A 700 -25.96 1.93 -8.04
N ARG A 701 -24.65 2.07 -7.87
CA ARG A 701 -23.72 0.95 -8.09
C ARG A 701 -24.08 -0.29 -7.25
N ARG A 702 -24.38 -0.08 -5.98
CA ARG A 702 -24.69 -1.19 -5.06
C ARG A 702 -26.11 -1.74 -5.23
N SER A 703 -26.97 -0.98 -5.93
CA SER A 703 -28.36 -1.37 -6.11
C SER A 703 -28.55 -2.46 -7.17
N THR A 704 -27.55 -2.70 -8.01
CA THR A 704 -27.69 -3.63 -9.13
C THR A 704 -26.36 -4.23 -9.58
N ASP A 705 -26.35 -5.55 -9.82
CA ASP A 705 -25.16 -6.24 -10.32
C ASP A 705 -24.85 -5.97 -11.80
N ALA A 706 -25.65 -5.12 -12.44
CA ALA A 706 -25.33 -4.61 -13.78
C ALA A 706 -23.94 -3.95 -13.84
N PHE A 707 -23.53 -3.33 -12.74
CA PHE A 707 -22.24 -2.65 -12.66
C PHE A 707 -21.17 -3.51 -11.96
N ARG A 708 -21.52 -4.74 -11.60
CA ARG A 708 -20.68 -5.59 -10.75
C ARG A 708 -20.72 -7.06 -11.20
N LYS A 709 -20.48 -7.29 -12.48
CA LYS A 709 -20.52 -8.65 -13.04
C LYS A 709 -19.31 -9.48 -12.61
N LEU A 710 -19.49 -10.81 -12.63
CA LEU A 710 -18.51 -11.73 -12.07
C LEU A 710 -17.43 -12.12 -13.09
N SER A 711 -17.84 -12.32 -14.35
CA SER A 711 -16.93 -12.83 -15.37
C SER A 711 -16.77 -11.88 -16.56
N LYS A 712 -15.62 -12.01 -17.23
CA LYS A 712 -15.38 -11.36 -18.51
C LYS A 712 -16.37 -11.87 -19.56
N ALA A 713 -16.66 -13.16 -19.50
CA ALA A 713 -17.57 -13.82 -20.44
C ALA A 713 -18.93 -13.11 -20.52
N GLU A 714 -19.53 -12.84 -19.35
CA GLU A 714 -20.83 -12.19 -19.31
C GLU A 714 -20.75 -10.68 -19.52
N ILE A 715 -19.61 -10.08 -19.18
CA ILE A 715 -19.38 -8.66 -19.45
C ILE A 715 -19.40 -8.37 -20.96
N ASP A 716 -18.66 -9.15 -21.74
CA ASP A 716 -18.64 -8.98 -23.21
C ASP A 716 -20.00 -9.22 -23.85
N ARG A 717 -20.80 -10.11 -23.25
CA ARG A 717 -22.12 -10.46 -23.78
C ARG A 717 -23.24 -9.55 -23.32
N GLU A 718 -23.05 -8.86 -22.20
CA GLU A 718 -24.13 -8.08 -21.58
C GLU A 718 -23.86 -6.58 -21.45
N VAL A 719 -22.61 -6.17 -21.67
CA VAL A 719 -22.25 -4.76 -21.70
C VAL A 719 -21.83 -4.38 -23.11
N SER A 720 -22.57 -3.42 -23.70
CA SER A 720 -22.41 -3.06 -25.11
C SER A 720 -22.19 -1.55 -25.31
N LEU A 721 -21.58 -1.21 -26.44
CA LEU A 721 -21.22 0.17 -26.75
C LEU A 721 -22.28 0.83 -27.63
N ILE A 722 -22.98 1.81 -27.07
CA ILE A 722 -24.02 2.53 -27.82
C ILE A 722 -23.38 3.47 -28.86
N THR A 723 -22.41 4.26 -28.41
CA THR A 723 -21.69 5.15 -29.30
C THR A 723 -20.56 4.43 -30.04
N GLU A 724 -20.91 3.60 -31.01
CA GLU A 724 -19.91 3.00 -31.89
C GLU A 724 -19.43 4.04 -32.89
N VAL A 725 -18.21 3.87 -33.39
CA VAL A 725 -17.62 4.82 -34.34
C VAL A 725 -18.51 4.89 -35.58
N GLY A 726 -18.94 6.10 -35.93
CA GLY A 726 -19.79 6.31 -37.11
C GLY A 726 -21.28 6.44 -36.82
N GLN A 727 -21.67 6.19 -35.58
CA GLN A 727 -23.06 6.39 -35.16
C GLN A 727 -23.29 7.87 -34.87
N GLY A 728 -24.14 8.52 -35.67
CA GLY A 728 -24.30 9.97 -35.59
C GLY A 728 -22.98 10.66 -35.88
N ASP A 729 -22.62 11.64 -35.03
CA ASP A 729 -21.37 12.41 -35.22
C ASP A 729 -20.19 11.87 -34.39
N ILE A 730 -20.32 10.66 -33.88
CA ILE A 730 -19.26 10.03 -33.07
C ILE A 730 -18.04 9.69 -33.92
N LYS A 731 -16.86 10.16 -33.48
CA LYS A 731 -15.61 9.90 -34.20
C LYS A 731 -14.78 8.86 -33.44
N GLU A 732 -13.74 8.35 -34.07
CA GLU A 732 -12.91 7.27 -33.48
C GLU A 732 -12.28 7.73 -32.15
N LYS A 733 -11.72 8.93 -32.15
CA LYS A 733 -11.31 9.61 -30.92
C LYS A 733 -12.34 10.68 -30.60
N ASP A 734 -12.93 10.63 -29.41
CA ASP A 734 -14.00 11.59 -29.08
C ASP A 734 -14.07 11.90 -27.58
N LEU A 735 -15.02 12.78 -27.22
CA LEU A 735 -15.24 13.25 -25.84
C LEU A 735 -16.62 12.91 -25.31
N VAL A 736 -17.39 12.14 -26.06
CA VAL A 736 -18.68 11.63 -25.59
C VAL A 736 -18.70 10.11 -25.72
N ILE A 737 -19.32 9.43 -24.76
CA ILE A 737 -19.46 7.98 -24.80
C ILE A 737 -20.76 7.55 -24.12
N ALA A 738 -21.33 6.46 -24.60
CA ALA A 738 -22.55 5.89 -24.00
C ALA A 738 -22.48 4.37 -24.04
N TYR A 739 -22.90 3.72 -22.97
CA TYR A 739 -22.89 2.26 -22.89
C TYR A 739 -24.08 1.71 -22.11
N GLN A 740 -24.47 0.49 -22.46
CA GLN A 740 -25.60 -0.18 -21.83
C GLN A 740 -25.14 -1.46 -21.15
N THR A 741 -25.68 -1.69 -19.95
CA THR A 741 -25.47 -2.94 -19.23
C THR A 741 -26.83 -3.47 -18.75
N ILE A 742 -26.89 -4.77 -18.49
CA ILE A 742 -28.10 -5.45 -18.07
C ILE A 742 -27.77 -6.28 -16.84
N ASP A 743 -28.67 -6.31 -15.85
CA ASP A 743 -28.42 -7.09 -14.64
C ASP A 743 -29.10 -8.46 -14.70
N SER A 744 -28.88 -9.25 -13.66
CA SER A 744 -29.41 -10.63 -13.58
C SER A 744 -30.93 -10.72 -13.63
N LYS A 745 -31.62 -9.65 -13.24
CA LYS A 745 -33.09 -9.57 -13.34
C LYS A 745 -33.50 -9.09 -14.73
N GLY A 746 -32.55 -8.46 -15.44
CA GLY A 746 -32.72 -7.93 -16.78
C GLY A 746 -33.84 -6.86 -16.89
N ASP A 747 -34.02 -6.03 -15.86
CA ASP A 747 -33.45 -4.62 -15.80
C ASP A 747 -32.25 -4.16 -16.63
N ILE A 748 -32.48 -3.10 -17.40
CA ILE A 748 -31.48 -2.49 -18.29
C ILE A 748 -31.07 -1.10 -17.79
N TYR A 749 -29.76 -0.83 -17.79
CA TYR A 749 -29.21 0.47 -17.41
C TYR A 749 -28.31 1.03 -18.52
N ALA A 750 -28.56 2.27 -18.94
CA ALA A 750 -27.74 2.93 -19.96
C ALA A 750 -27.09 4.20 -19.41
N VAL A 751 -25.77 4.30 -19.57
CA VAL A 751 -25.00 5.44 -19.07
C VAL A 751 -24.50 6.30 -20.23
N PHE A 752 -24.77 7.60 -20.17
CA PHE A 752 -24.33 8.56 -21.18
C PHE A 752 -23.44 9.61 -20.54
N VAL A 753 -22.25 9.81 -21.11
CA VAL A 753 -21.31 10.84 -20.62
C VAL A 753 -20.89 11.76 -21.77
N ASN A 754 -21.46 12.96 -21.80
CA ASN A 754 -20.99 14.00 -22.72
C ASN A 754 -19.93 14.87 -22.02
N ALA A 755 -18.66 14.55 -22.27
CA ALA A 755 -17.55 15.33 -21.73
C ALA A 755 -17.14 16.46 -22.69
N ASP A 756 -17.89 16.66 -23.76
CA ASP A 756 -17.63 17.75 -24.72
C ASP A 756 -18.14 19.06 -24.16
N SER A 757 -17.56 20.16 -24.64
CA SER A 757 -17.92 21.51 -24.22
C SER A 757 -19.06 22.11 -25.05
N LYS A 758 -19.67 21.30 -25.92
CA LYS A 758 -20.89 21.66 -26.63
C LYS A 758 -21.89 20.51 -26.47
N ALA A 759 -23.17 20.80 -26.69
CA ALA A 759 -24.20 19.77 -26.66
C ALA A 759 -23.96 18.74 -27.75
N ARG A 760 -24.35 17.49 -27.48
CA ARG A 760 -24.19 16.39 -28.44
C ARG A 760 -25.44 15.53 -28.52
N ASN A 761 -25.85 15.23 -29.74
CA ASN A 761 -26.94 14.28 -30.00
C ASN A 761 -26.36 12.87 -30.07
N VAL A 762 -26.84 11.99 -29.19
CA VAL A 762 -26.44 10.58 -29.20
C VAL A 762 -27.50 9.73 -29.90
N LEU A 763 -27.12 9.09 -31.01
CA LEU A 763 -28.04 8.27 -31.80
C LEU A 763 -28.30 6.92 -31.12
N LEU A 764 -29.57 6.53 -31.05
CA LEU A 764 -29.96 5.23 -30.49
C LEU A 764 -30.37 4.25 -31.59
N GLY A 765 -31.16 4.74 -32.55
CA GLY A 765 -31.60 3.92 -33.69
C GLY A 765 -32.50 2.78 -33.25
N GLU A 766 -32.74 1.82 -34.14
CA GLU A 766 -33.62 0.69 -33.83
C GLU A 766 -33.06 -0.22 -32.73
N LYS A 767 -31.73 -0.25 -32.59
CA LYS A 767 -31.07 -1.11 -31.61
C LYS A 767 -31.31 -0.68 -30.16
N TYR A 768 -31.26 0.64 -29.91
CA TYR A 768 -31.38 1.17 -28.54
C TYR A 768 -32.60 2.07 -28.31
N LYS A 769 -33.57 2.03 -29.22
CA LYS A 769 -34.77 2.88 -29.14
C LYS A 769 -35.61 2.62 -27.89
N HIS A 770 -35.55 1.39 -27.39
CA HIS A 770 -36.25 0.99 -26.16
C HIS A 770 -35.87 1.85 -24.93
N LEU A 771 -34.70 2.48 -24.99
CA LEU A 771 -34.24 3.34 -23.90
C LEU A 771 -35.05 4.63 -23.75
N LEU A 772 -35.71 5.06 -24.82
CA LEU A 772 -36.54 6.27 -24.78
C LEU A 772 -37.79 6.11 -23.89
N LYS A 773 -38.15 4.86 -23.57
CA LYS A 773 -39.28 4.57 -22.69
C LYS A 773 -38.88 4.44 -21.23
N GLY A 774 -37.59 4.57 -20.94
CA GLY A 774 -37.06 4.40 -19.59
C GLY A 774 -37.16 5.63 -18.70
N GLN A 775 -36.71 5.49 -17.47
CA GLN A 775 -36.71 6.56 -16.48
C GLN A 775 -35.30 7.09 -16.29
N VAL A 776 -35.18 8.42 -16.17
CA VAL A 776 -33.88 9.05 -15.88
C VAL A 776 -33.62 9.03 -14.38
N ILE A 777 -32.56 8.34 -13.96
CA ILE A 777 -32.19 8.27 -12.53
C ILE A 777 -30.91 9.07 -12.18
N VAL A 778 -30.12 9.41 -13.21
CA VAL A 778 -29.02 10.35 -13.04
C VAL A 778 -29.13 11.43 -14.10
N ASP A 779 -29.04 12.69 -13.68
CA ASP A 779 -29.04 13.82 -14.62
C ASP A 779 -27.91 14.79 -14.25
N ALA A 780 -28.00 16.03 -14.74
CA ALA A 780 -26.94 17.02 -14.49
C ALA A 780 -26.86 17.48 -13.03
N ASP A 781 -27.98 17.38 -12.30
CA ASP A 781 -28.07 17.90 -10.93
C ASP A 781 -27.99 16.85 -9.83
N GLN A 782 -28.49 15.64 -10.10
CA GLN A 782 -28.64 14.64 -9.06
C GLN A 782 -28.42 13.22 -9.56
N ALA A 783 -28.08 12.35 -8.62
CA ALA A 783 -27.82 10.95 -8.90
C ALA A 783 -28.49 10.07 -7.83
N GLY A 784 -28.94 8.90 -8.25
CA GLY A 784 -29.59 7.96 -7.34
C GLY A 784 -30.29 6.84 -8.08
N ILE A 785 -31.26 6.22 -7.43
CA ILE A 785 -32.02 5.10 -8.01
C ILE A 785 -33.50 5.42 -8.26
N LYS A 786 -33.95 6.62 -7.87
CA LYS A 786 -35.35 7.01 -8.04
C LYS A 786 -35.54 7.78 -9.35
N PRO A 787 -36.72 7.65 -9.99
CA PRO A 787 -36.99 8.42 -11.19
C PRO A 787 -36.97 9.93 -10.96
N ILE A 788 -36.29 10.66 -11.84
CA ILE A 788 -36.28 12.11 -11.81
C ILE A 788 -37.41 12.62 -12.72
N SER A 789 -38.37 13.32 -12.13
CA SER A 789 -39.61 13.69 -12.83
C SER A 789 -39.40 14.69 -13.97
N THR A 790 -38.54 15.69 -13.72
CA THR A 790 -38.20 16.69 -14.75
C THR A 790 -36.67 16.77 -14.89
N PRO A 791 -36.07 15.85 -15.67
CA PRO A 791 -34.62 15.75 -15.77
C PRO A 791 -33.95 16.94 -16.44
N ARG A 792 -32.79 17.35 -15.91
CA ARG A 792 -32.03 18.46 -16.47
C ARG A 792 -30.82 17.95 -17.27
N GLY A 793 -30.57 18.60 -18.41
CA GLY A 793 -29.40 18.31 -19.23
C GLY A 793 -29.60 17.30 -20.34
N VAL A 794 -30.84 16.83 -20.50
CA VAL A 794 -31.17 15.82 -21.52
C VAL A 794 -32.53 16.11 -22.15
N HIS A 795 -32.63 15.88 -23.46
CA HIS A 795 -33.91 15.97 -24.18
C HIS A 795 -34.12 14.72 -25.02
N PHE A 796 -35.33 14.17 -24.94
CA PHE A 796 -35.69 12.95 -25.66
C PHE A 796 -36.21 13.29 -27.06
N GLU A 797 -35.62 12.67 -28.08
CA GLU A 797 -36.03 12.87 -29.47
C GLU A 797 -36.68 11.58 -30.01
N LYS A 798 -36.85 11.49 -31.34
CA LYS A 798 -37.50 10.34 -31.97
C LYS A 798 -36.70 9.03 -31.81
N ASP A 799 -35.41 9.06 -32.13
CA ASP A 799 -34.53 7.90 -31.92
C ASP A 799 -33.13 8.34 -31.44
N SER A 800 -33.09 9.39 -30.64
CA SER A 800 -31.83 9.90 -30.11
C SER A 800 -32.05 10.68 -28.82
N LEU A 801 -30.93 11.01 -28.18
CA LEU A 801 -30.90 11.85 -26.98
C LEU A 801 -30.04 13.08 -27.25
N LEU A 802 -30.55 14.24 -26.87
CA LEU A 802 -29.76 15.48 -26.93
C LEU A 802 -29.26 15.80 -25.53
N ILE A 803 -27.94 15.76 -25.34
CA ILE A 803 -27.33 15.90 -24.03
C ILE A 803 -26.51 17.19 -23.93
N ASP A 804 -26.73 17.93 -22.84
CA ASP A 804 -26.00 19.17 -22.56
C ASP A 804 -24.49 18.92 -22.41
N PRO A 805 -23.66 19.95 -22.66
CA PRO A 805 -22.23 19.80 -22.40
C PRO A 805 -21.90 19.48 -20.94
N LEU A 806 -20.83 18.71 -20.73
CA LEU A 806 -20.37 18.33 -19.38
C LEU A 806 -21.50 17.77 -18.51
N THR A 807 -22.24 16.82 -19.06
CA THR A 807 -23.41 16.24 -18.39
C THR A 807 -23.40 14.71 -18.48
N ALA A 808 -23.75 14.05 -17.38
CA ALA A 808 -23.92 12.60 -17.35
C ALA A 808 -25.39 12.25 -17.18
N ILE A 809 -25.89 11.34 -18.01
CA ILE A 809 -27.27 10.86 -17.91
C ILE A 809 -27.31 9.34 -17.78
N VAL A 810 -28.06 8.83 -16.80
CA VAL A 810 -28.30 7.40 -16.68
C VAL A 810 -29.80 7.11 -16.77
N ILE A 811 -30.17 6.21 -17.68
CA ILE A 811 -31.56 5.79 -17.85
C ILE A 811 -31.72 4.33 -17.43
N LYS A 812 -32.84 4.02 -16.77
CA LYS A 812 -33.19 2.65 -16.40
C LYS A 812 -34.49 2.24 -17.10
N VAL A 813 -34.48 1.05 -17.69
CA VAL A 813 -35.70 0.43 -18.23
C VAL A 813 -36.02 -0.83 -17.41
N GLY A 814 -37.07 -0.75 -16.60
CA GLY A 814 -37.53 -1.89 -15.80
C GLY A 814 -38.29 -2.90 -16.64
#